data_2X7C
#
_entry.id   2X7C
#
_cell.length_a   69.620
_cell.length_b   79.760
_cell.length_c   159.330
_cell.angle_alpha   90.00
_cell.angle_beta   90.00
_cell.angle_gamma   90.00
#
_symmetry.space_group_name_H-M   'P 21 21 21'
#
loop_
_entity.id
_entity.type
_entity.pdbx_description
1 polymer 'KINESIN-LIKE PROTEIN KIF11'
2 non-polymer "ADENOSINE-5'-DIPHOSPHATE"
3 non-polymer 'MAGNESIUM ION'
4 non-polymer (S)-4-(3-HYDROXYPHENYL)-2-THIOXO-1,2,3,4,7,8-HEXAHYDROQUINAZOLIN-5(6H)-ONE
5 water water
#
_entity_poly.entity_id   1
_entity_poly.type   'polypeptide(L)'
_entity_poly.pdbx_seq_one_letter_code
;MASQPNSSAKKKEEKGKNIQVVVRCRPFNLAERKASAHSIVECDPVRKEVSVRTGGLADKSSRKTYTFDMVFGASTKQID
VYRSVVCPILDEVIMGYNCTIFAYGQTGTGKTFTMEGERSPNEEYTWEEDPLAGIIPRTLHQIFEKLTDNGTEFSVKVSL
LEIYNEELFDLLNPSSDVSERLQMFDDPRNKRGVIIKGLEEITVHNKDEVYQILEKGAAKRTTAATLMNAYSSRSHSVFS
VTIHMKETTIDGEELVKIGKLNLVDLAGSENIGRSGAVDKRAREAGNINQSLLTLGRVITALVERTPHVPYRESKLTRIL
QDSLGGRTRTSIIATISPASLNLEETLSTLEYAHRAKNILNKPEVNQK
;
_entity_poly.pdbx_strand_id   A,B
#
# COMPACT_ATOMS: atom_id res chain seq x y z
N ASN A 18 22.59 3.90 14.16
CA ASN A 18 22.15 3.21 12.91
C ASN A 18 22.00 1.71 13.08
N ILE A 19 21.11 1.11 12.32
CA ILE A 19 21.02 -0.33 12.33
C ILE A 19 22.24 -0.97 11.61
N GLN A 20 22.51 -2.23 11.89
CA GLN A 20 23.65 -2.89 11.22
C GLN A 20 23.18 -3.59 9.94
N VAL A 21 23.88 -3.35 8.83
CA VAL A 21 23.58 -4.02 7.57
C VAL A 21 24.82 -4.74 7.08
N VAL A 22 24.66 -6.03 6.74
CA VAL A 22 25.78 -6.83 6.23
C VAL A 22 25.32 -7.55 4.96
N VAL A 23 26.27 -7.98 4.14
CA VAL A 23 25.92 -8.65 2.89
C VAL A 23 26.60 -10.02 2.88
N ARG A 24 25.87 -11.04 2.44
CA ARG A 24 26.44 -12.37 2.23
C ARG A 24 26.11 -12.86 0.84
N CYS A 25 27.16 -13.21 0.10
CA CYS A 25 26.98 -13.82 -1.24
C CYS A 25 26.97 -15.35 -1.11
N ARG A 26 26.06 -16.03 -1.82
CA ARG A 26 26.12 -17.49 -1.84
C ARG A 26 27.22 -17.99 -2.80
N PRO A 27 27.67 -19.23 -2.60
CA PRO A 27 28.54 -19.93 -3.53
C PRO A 27 27.74 -20.52 -4.72
N PHE A 28 28.43 -20.77 -5.83
CA PHE A 28 27.84 -21.47 -7.00
C PHE A 28 27.39 -22.90 -6.68
N ASN A 29 26.29 -23.34 -7.28
CA ASN A 29 25.85 -24.73 -7.09
C ASN A 29 26.48 -25.63 -8.19
N LEU A 30 26.26 -26.94 -8.08
CA LEU A 30 26.80 -27.91 -9.06
CA LEU A 30 26.84 -27.88 -9.06
C LEU A 30 26.44 -27.54 -10.50
N ALA A 31 25.16 -27.23 -10.73
CA ALA A 31 24.73 -26.76 -12.08
C ALA A 31 25.64 -25.67 -12.64
N GLU A 32 25.89 -24.64 -11.82
CA GLU A 32 26.64 -23.47 -12.24
C GLU A 32 28.10 -23.75 -12.46
N ARG A 33 28.70 -24.49 -11.53
CA ARG A 33 30.08 -24.94 -11.64
C ARG A 33 30.30 -25.69 -12.94
N LYS A 34 29.51 -26.75 -13.14
CA LYS A 34 29.50 -27.54 -14.39
C LYS A 34 29.44 -26.67 -15.63
N ALA A 35 28.72 -25.54 -15.56
CA ALA A 35 28.71 -24.54 -16.65
C ALA A 35 29.93 -23.61 -16.69
N SER A 36 30.87 -23.82 -15.76
CA SER A 36 32.02 -22.94 -15.60
C SER A 36 31.59 -21.48 -15.45
N ALA A 37 30.65 -21.22 -14.54
CA ALA A 37 30.23 -19.85 -14.26
C ALA A 37 31.39 -19.08 -13.60
N HIS A 38 31.48 -17.78 -13.89
CA HIS A 38 32.39 -16.86 -13.25
C HIS A 38 31.58 -15.86 -12.40
N SER A 39 32.00 -15.66 -11.16
CA SER A 39 31.30 -14.71 -10.26
C SER A 39 31.36 -13.27 -10.76
N ILE A 40 30.24 -12.55 -10.66
CA ILE A 40 30.23 -11.11 -10.88
C ILE A 40 30.39 -10.31 -9.59
N VAL A 41 30.52 -11.00 -8.47
CA VAL A 41 30.59 -10.33 -7.18
C VAL A 41 31.96 -10.56 -6.57
N GLU A 42 32.57 -9.48 -6.11
CA GLU A 42 33.77 -9.53 -5.30
C GLU A 42 33.53 -8.87 -3.95
N CYS A 43 33.80 -9.61 -2.87
CA CYS A 43 33.66 -9.06 -1.52
C CYS A 43 35.03 -8.81 -0.90
N ASP A 44 35.21 -7.61 -0.36
CA ASP A 44 36.46 -7.20 0.29
C ASP A 44 36.20 -6.90 1.78
N PRO A 45 36.41 -7.90 2.66
CA PRO A 45 36.03 -7.76 4.07
C PRO A 45 36.80 -6.67 4.84
N VAL A 46 38.05 -6.45 4.45
CA VAL A 46 38.84 -5.34 4.96
C VAL A 46 38.22 -3.97 4.66
N ARG A 47 37.94 -3.74 3.39
CA ARG A 47 37.32 -2.49 2.97
C ARG A 47 35.81 -2.53 3.26
N LYS A 48 35.31 -3.70 3.66
CA LYS A 48 33.87 -3.94 3.90
C LYS A 48 33.02 -3.54 2.69
N GLU A 49 33.48 -3.92 1.51
CA GLU A 49 32.91 -3.47 0.25
C GLU A 49 32.40 -4.68 -0.53
N VAL A 50 31.30 -4.48 -1.24
CA VAL A 50 30.83 -5.42 -2.25
C VAL A 50 30.90 -4.70 -3.57
N SER A 51 31.52 -5.36 -4.55
CA SER A 51 31.65 -4.79 -5.89
C SER A 51 31.01 -5.74 -6.91
N VAL A 52 30.14 -5.21 -7.75
CA VAL A 52 29.43 -6.02 -8.73
C VAL A 52 29.82 -5.61 -10.17
N ARG A 53 30.21 -6.57 -11.01
CA ARG A 53 30.47 -6.29 -12.44
CA ARG A 53 30.45 -6.26 -12.42
C ARG A 53 29.13 -6.13 -13.15
N THR A 54 28.91 -4.97 -13.76
CA THR A 54 27.65 -4.68 -14.42
C THR A 54 27.70 -4.74 -15.95
N GLY A 55 28.89 -4.81 -16.52
CA GLY A 55 29.06 -4.81 -17.95
C GLY A 55 30.52 -4.77 -18.33
N GLY A 56 30.78 -4.87 -19.63
CA GLY A 56 32.15 -4.78 -20.13
C GLY A 56 32.82 -6.14 -20.09
N LEU A 57 33.78 -6.30 -20.99
CA LEU A 57 34.47 -7.56 -21.27
C LEU A 57 35.44 -7.94 -20.14
N ALA A 58 36.29 -8.92 -20.44
CA ALA A 58 37.35 -9.23 -19.49
C ALA A 58 38.19 -7.98 -19.16
N ASP A 59 38.95 -7.49 -20.13
CA ASP A 59 40.04 -6.55 -19.84
C ASP A 59 39.55 -5.14 -19.52
N LYS A 60 38.22 -4.98 -19.48
CA LYS A 60 37.63 -3.72 -19.12
C LYS A 60 36.13 -3.79 -18.89
N SER A 61 35.70 -3.14 -17.82
CA SER A 61 34.40 -3.41 -17.25
CA SER A 61 34.40 -3.41 -17.24
C SER A 61 33.87 -2.16 -16.56
N SER A 62 32.58 -2.16 -16.27
CA SER A 62 32.09 -1.26 -15.25
C SER A 62 31.63 -2.07 -14.03
N ARG A 63 31.67 -1.43 -12.88
CA ARG A 63 31.34 -2.07 -11.61
C ARG A 63 30.46 -1.10 -10.84
N LYS A 64 29.69 -1.65 -9.90
CA LYS A 64 29.06 -0.84 -8.87
C LYS A 64 29.57 -1.33 -7.51
N THR A 65 29.97 -0.42 -6.63
CA THR A 65 30.53 -0.82 -5.35
CA THR A 65 30.54 -0.78 -5.32
C THR A 65 29.71 -0.18 -4.20
N TYR A 66 29.58 -0.92 -3.08
CA TYR A 66 28.81 -0.48 -1.94
C TYR A 66 29.56 -0.91 -0.69
N THR A 67 29.56 -0.03 0.31
CA THR A 67 30.17 -0.32 1.59
C THR A 67 29.09 -0.71 2.61
N PHE A 68 29.36 -1.73 3.40
CA PHE A 68 28.43 -2.18 4.43
C PHE A 68 29.15 -2.31 5.78
N ASP A 69 28.41 -2.64 6.83
CA ASP A 69 29.02 -2.89 8.13
C ASP A 69 29.93 -4.11 8.18
N MET A 70 29.55 -5.18 7.47
CA MET A 70 30.42 -6.33 7.21
C MET A 70 30.05 -6.91 5.83
N VAL A 71 31.00 -7.58 5.20
CA VAL A 71 30.72 -8.32 3.97
CA VAL A 71 30.74 -8.32 3.96
C VAL A 71 31.25 -9.75 4.02
N PHE A 72 30.47 -10.69 3.51
CA PHE A 72 30.80 -12.09 3.62
C PHE A 72 30.74 -12.72 2.24
N GLY A 73 31.92 -13.08 1.73
CA GLY A 73 31.96 -13.63 0.37
C GLY A 73 31.46 -15.05 0.35
N ALA A 74 31.42 -15.60 -0.87
CA ALA A 74 30.77 -16.85 -1.15
C ALA A 74 31.32 -18.04 -0.39
N SER A 75 32.57 -17.97 0.04
CA SER A 75 33.15 -19.09 0.78
C SER A 75 33.01 -19.02 2.30
N THR A 76 32.32 -17.99 2.79
CA THR A 76 32.10 -17.79 4.23
C THR A 76 31.29 -18.95 4.74
N LYS A 77 31.77 -19.54 5.81
CA LYS A 77 31.07 -20.59 6.51
CA LYS A 77 31.08 -20.56 6.51
C LYS A 77 30.09 -20.07 7.61
N GLN A 78 29.14 -20.92 7.94
CA GLN A 78 28.07 -20.56 8.86
C GLN A 78 28.64 -20.08 10.20
N ILE A 79 29.66 -20.78 10.68
CA ILE A 79 30.23 -20.45 11.99
C ILE A 79 30.77 -19.01 12.00
N ASP A 80 31.34 -18.59 10.87
CA ASP A 80 31.87 -17.23 10.77
C ASP A 80 30.80 -16.14 10.72
N VAL A 81 29.67 -16.44 10.09
CA VAL A 81 28.49 -15.56 10.19
C VAL A 81 28.03 -15.47 11.64
N TYR A 82 28.02 -16.61 12.30
CA TYR A 82 27.46 -16.65 13.66
C TYR A 82 28.38 -15.87 14.61
N ARG A 83 29.68 -16.11 14.52
CA ARG A 83 30.66 -15.47 15.39
C ARG A 83 30.66 -13.95 15.16
N SER A 84 30.67 -13.53 13.91
CA SER A 84 30.80 -12.10 13.56
C SER A 84 29.53 -11.34 13.86
N VAL A 85 28.38 -11.92 13.53
CA VAL A 85 27.14 -11.17 13.56
C VAL A 85 26.32 -11.51 14.79
N VAL A 86 26.15 -12.80 15.06
CA VAL A 86 25.15 -13.20 16.02
C VAL A 86 25.68 -13.19 17.43
N CYS A 87 26.93 -13.62 17.63
CA CYS A 87 27.49 -13.64 18.99
CA CYS A 87 27.45 -13.67 19.00
C CYS A 87 27.29 -12.36 19.77
N PRO A 88 27.65 -11.19 19.16
CA PRO A 88 27.44 -9.94 19.89
C PRO A 88 25.95 -9.63 20.16
N ILE A 89 25.10 -10.05 19.23
CA ILE A 89 23.66 -9.77 19.38
C ILE A 89 23.10 -10.62 20.52
N LEU A 90 23.50 -11.88 20.57
CA LEU A 90 23.07 -12.74 21.67
C LEU A 90 23.52 -12.19 23.03
N ASP A 91 24.72 -11.61 23.09
CA ASP A 91 25.18 -11.05 24.34
C ASP A 91 24.31 -9.89 24.78
N GLU A 92 23.85 -9.10 23.82
CA GLU A 92 22.92 -8.00 24.12
C GLU A 92 21.54 -8.50 24.50
N VAL A 93 21.06 -9.58 23.87
CA VAL A 93 19.81 -10.19 24.31
C VAL A 93 19.90 -10.61 25.80
N ILE A 94 20.99 -11.27 26.16
CA ILE A 94 21.25 -11.70 27.53
C ILE A 94 21.37 -10.54 28.56
N MET A 95 21.81 -9.38 28.12
CA MET A 95 21.77 -8.16 28.92
C MET A 95 20.37 -7.56 29.06
N GLY A 96 19.42 -8.10 28.30
CA GLY A 96 18.02 -7.70 28.45
C GLY A 96 17.55 -6.76 27.37
N TYR A 97 18.27 -6.73 26.25
CA TYR A 97 17.83 -5.92 25.11
CA TYR A 97 17.78 -5.92 25.14
C TYR A 97 16.95 -6.80 24.22
N ASN A 98 16.08 -6.18 23.44
CA ASN A 98 15.39 -6.89 22.37
C ASN A 98 16.24 -6.66 21.09
N CYS A 99 16.47 -7.71 20.30
CA CYS A 99 17.20 -7.63 19.03
C CYS A 99 16.44 -8.40 17.95
N THR A 100 16.64 -7.96 16.72
CA THR A 100 16.03 -8.62 15.57
C THR A 100 17.11 -8.72 14.50
N ILE A 101 17.18 -9.87 13.81
CA ILE A 101 18.00 -10.01 12.61
C ILE A 101 17.05 -10.38 11.45
N PHE A 102 17.11 -9.61 10.36
CA PHE A 102 16.37 -9.94 9.14
C PHE A 102 17.30 -10.59 8.13
N ALA A 103 16.79 -11.53 7.32
CA ALA A 103 17.44 -11.92 6.06
C ALA A 103 16.57 -11.41 4.90
N TYR A 104 17.19 -10.71 3.96
CA TYR A 104 16.54 -10.02 2.88
C TYR A 104 17.30 -10.34 1.58
N GLY A 105 16.58 -10.66 0.51
CA GLY A 105 17.22 -10.94 -0.78
C GLY A 105 16.32 -11.80 -1.63
N GLN A 106 16.75 -11.99 -2.86
CA GLN A 106 16.06 -12.77 -3.89
C GLN A 106 15.92 -14.23 -3.46
N THR A 107 14.77 -14.84 -3.75
CA THR A 107 14.67 -16.28 -3.65
C THR A 107 15.89 -16.94 -4.34
N GLY A 108 16.49 -17.88 -3.61
CA GLY A 108 17.60 -18.66 -4.10
C GLY A 108 18.97 -18.15 -3.70
N THR A 109 19.03 -17.10 -2.88
CA THR A 109 20.30 -16.47 -2.53
C THR A 109 20.85 -16.88 -1.17
N GLY A 110 20.04 -17.54 -0.35
CA GLY A 110 20.48 -18.11 0.91
C GLY A 110 19.93 -17.44 2.17
N LYS A 111 18.69 -16.91 2.11
CA LYS A 111 18.01 -16.43 3.32
C LYS A 111 17.77 -17.54 4.32
N THR A 112 17.20 -18.64 3.85
CA THR A 112 16.89 -19.73 4.76
C THR A 112 18.18 -20.46 5.13
N PHE A 113 19.10 -20.57 4.19
CA PHE A 113 20.40 -21.15 4.56
C PHE A 113 21.06 -20.40 5.74
N THR A 114 21.06 -19.08 5.66
CA THR A 114 21.67 -18.27 6.69
C THR A 114 20.91 -18.40 8.00
N MET A 115 19.59 -18.28 7.95
CA MET A 115 18.81 -18.17 9.21
C MET A 115 18.60 -19.54 9.81
N GLU A 116 18.44 -20.56 8.98
CA GLU A 116 18.16 -21.92 9.50
C GLU A 116 19.34 -22.87 9.34
N GLY A 117 19.92 -22.86 8.14
CA GLY A 117 20.91 -23.82 7.77
C GLY A 117 20.27 -25.12 7.33
N GLU A 118 21.11 -26.12 7.12
CA GLU A 118 20.67 -27.40 6.59
C GLU A 118 21.48 -28.46 7.31
N ARG A 119 21.20 -29.72 6.98
CA ARG A 119 21.99 -30.81 7.52
C ARG A 119 23.08 -31.23 6.54
N SER A 120 24.28 -31.46 7.06
CA SER A 120 25.32 -32.13 6.28
C SER A 120 24.81 -33.51 5.90
N PRO A 121 25.09 -33.92 4.67
CA PRO A 121 24.56 -35.19 4.16
C PRO A 121 25.06 -36.47 4.89
N ASN A 122 24.26 -37.54 4.84
CA ASN A 122 24.70 -38.86 5.30
C ASN A 122 24.84 -39.00 6.81
N GLU A 123 24.15 -38.17 7.56
CA GLU A 123 24.23 -38.17 9.03
C GLU A 123 25.66 -38.14 9.50
N GLU A 124 26.50 -37.32 8.86
CA GLU A 124 27.86 -37.10 9.32
C GLU A 124 27.99 -36.45 10.71
N TYR A 125 27.07 -35.55 11.05
CA TYR A 125 27.13 -34.81 12.32
C TYR A 125 25.80 -34.94 13.07
N THR A 126 25.85 -34.84 14.40
CA THR A 126 24.69 -34.48 15.19
C THR A 126 24.33 -33.01 14.98
N TRP A 127 23.13 -32.62 15.36
CA TRP A 127 22.67 -31.29 15.02
C TRP A 127 23.57 -30.23 15.67
N GLU A 128 23.95 -30.45 16.92
CA GLU A 128 24.82 -29.53 17.65
C GLU A 128 26.16 -29.24 17.00
N GLU A 129 26.68 -30.18 16.23
CA GLU A 129 28.03 -30.02 15.69
C GLU A 129 28.03 -29.83 14.17
N ASP A 130 26.86 -29.76 13.55
CA ASP A 130 26.82 -29.69 12.09
C ASP A 130 27.30 -28.32 11.61
N PRO A 131 28.35 -28.28 10.77
CA PRO A 131 28.85 -27.00 10.26
C PRO A 131 27.85 -26.24 9.38
N LEU A 132 26.83 -26.93 8.87
CA LEU A 132 25.87 -26.27 8.00
C LEU A 132 24.71 -25.68 8.79
N ALA A 133 24.69 -25.88 10.12
CA ALA A 133 23.65 -25.27 10.97
C ALA A 133 23.71 -23.76 10.80
N GLY A 134 22.54 -23.13 10.86
CA GLY A 134 22.45 -21.68 10.65
C GLY A 134 22.24 -20.93 11.96
N ILE A 135 21.66 -19.74 11.88
CA ILE A 135 21.61 -18.87 13.05
C ILE A 135 20.70 -19.41 14.16
N ILE A 136 19.52 -19.90 13.76
CA ILE A 136 18.53 -20.36 14.75
C ILE A 136 19.05 -21.48 15.67
N PRO A 137 19.52 -22.60 15.11
CA PRO A 137 19.93 -23.70 16.01
C PRO A 137 21.17 -23.31 16.84
N ARG A 138 22.14 -22.62 16.24
CA ARG A 138 23.34 -22.19 16.96
C ARG A 138 23.00 -21.30 18.12
N THR A 139 22.13 -20.33 17.89
CA THR A 139 21.64 -19.46 18.93
C THR A 139 21.06 -20.24 20.11
N LEU A 140 20.11 -21.13 19.83
CA LEU A 140 19.42 -21.87 20.91
C LEU A 140 20.42 -22.70 21.71
N HIS A 141 21.27 -23.43 21.00
CA HIS A 141 22.39 -24.15 21.61
C HIS A 141 23.26 -23.24 22.50
N GLN A 142 23.62 -22.06 22.01
CA GLN A 142 24.53 -21.17 22.73
C GLN A 142 23.94 -20.55 23.99
N ILE A 143 22.63 -20.32 24.01
CA ILE A 143 22.00 -19.73 25.17
C ILE A 143 22.25 -20.61 26.41
N PHE A 144 22.09 -21.91 26.24
CA PHE A 144 22.30 -22.82 27.38
C PHE A 144 23.77 -22.87 27.82
N GLU A 145 24.68 -22.61 26.88
CA GLU A 145 26.11 -22.70 27.19
C GLU A 145 26.53 -21.47 27.94
N LYS A 146 26.06 -20.32 27.46
CA LYS A 146 26.41 -19.05 28.07
C LYS A 146 25.85 -18.92 29.51
N LEU A 147 24.68 -19.51 29.75
CA LEU A 147 23.99 -19.31 31.04
C LEU A 147 24.14 -20.56 31.91
N THR A 148 25.16 -21.35 31.64
CA THR A 148 25.20 -22.66 32.28
C THR A 148 25.39 -22.61 33.81
N ASP A 149 26.26 -21.74 34.32
CA ASP A 149 26.48 -21.71 35.78
C ASP A 149 26.99 -20.35 36.28
N ASN A 150 26.40 -19.29 35.75
CA ASN A 150 26.86 -17.94 36.07
C ASN A 150 26.01 -17.25 37.15
N GLY A 151 25.08 -17.97 37.77
CA GLY A 151 24.19 -17.34 38.77
C GLY A 151 22.89 -16.75 38.24
N THR A 152 22.68 -16.84 36.93
CA THR A 152 21.43 -16.37 36.33
C THR A 152 20.47 -17.53 36.10
N GLU A 153 19.36 -17.58 36.86
CA GLU A 153 18.28 -18.52 36.58
C GLU A 153 17.55 -17.97 35.36
N PHE A 154 17.09 -18.87 34.48
CA PHE A 154 16.51 -18.45 33.18
C PHE A 154 15.50 -19.46 32.61
N SER A 155 14.60 -18.98 31.78
CA SER A 155 13.83 -19.92 30.96
C SER A 155 13.88 -19.37 29.55
N VAL A 156 13.77 -20.27 28.60
CA VAL A 156 13.74 -19.96 27.17
C VAL A 156 12.39 -20.35 26.55
N LYS A 157 11.71 -19.42 25.87
CA LYS A 157 10.49 -19.79 25.11
C LYS A 157 10.66 -19.38 23.65
N VAL A 158 10.09 -20.19 22.75
CA VAL A 158 10.17 -19.93 21.30
C VAL A 158 8.78 -19.94 20.69
N SER A 159 8.59 -19.11 19.67
CA SER A 159 7.42 -19.22 18.79
CA SER A 159 7.40 -19.20 18.80
C SER A 159 7.88 -19.10 17.35
N LEU A 160 7.07 -19.59 16.41
CA LEU A 160 7.36 -19.43 15.00
C LEU A 160 6.06 -19.03 14.32
N LEU A 161 5.98 -17.75 14.00
CA LEU A 161 4.87 -17.15 13.31
C LEU A 161 5.25 -16.91 11.86
N GLU A 162 4.33 -17.23 10.98
CA GLU A 162 4.52 -16.96 9.56
C GLU A 162 3.38 -16.16 8.98
N ILE A 163 3.72 -15.38 7.97
CA ILE A 163 2.76 -14.48 7.34
C ILE A 163 2.77 -14.82 5.86
N TYR A 164 1.60 -15.20 5.36
CA TYR A 164 1.43 -15.54 3.95
C TYR A 164 0.12 -14.98 3.46
N ASN A 165 0.20 -14.18 2.42
CA ASN A 165 -0.98 -13.44 1.98
C ASN A 165 -1.69 -12.66 3.05
N GLU A 166 -0.91 -12.01 3.90
CA GLU A 166 -1.42 -11.23 5.04
C GLU A 166 -2.25 -12.00 6.06
N GLU A 167 -2.11 -13.31 6.09
CA GLU A 167 -2.69 -14.15 7.12
CA GLU A 167 -2.69 -14.11 7.15
C GLU A 167 -1.58 -14.69 8.00
N LEU A 168 -1.91 -14.99 9.26
CA LEU A 168 -0.93 -15.41 10.25
C LEU A 168 -1.11 -16.89 10.55
N PHE A 169 0.00 -17.61 10.58
CA PHE A 169 0.02 -19.04 10.87
C PHE A 169 1.03 -19.34 11.96
N ASP A 170 0.70 -20.31 12.80
CA ASP A 170 1.56 -20.76 13.87
C ASP A 170 2.15 -22.10 13.45
N LEU A 171 3.46 -22.13 13.25
CA LEU A 171 4.10 -23.32 12.76
C LEU A 171 4.64 -24.20 13.90
N LEU A 172 4.26 -23.88 15.16
CA LEU A 172 4.59 -24.75 16.31
C LEU A 172 3.42 -25.28 17.14
N ASN A 173 2.19 -24.91 16.84
CA ASN A 173 1.09 -25.41 17.64
C ASN A 173 0.87 -26.86 17.23
N PRO A 174 1.05 -27.80 18.18
CA PRO A 174 0.95 -29.23 17.84
C PRO A 174 -0.49 -29.67 17.66
N SER A 175 -1.43 -28.94 18.26
CA SER A 175 -2.83 -29.39 18.25
C SER A 175 -3.72 -28.54 17.36
N SER A 176 -3.13 -27.61 16.62
CA SER A 176 -3.88 -26.90 15.59
C SER A 176 -3.32 -27.34 14.25
N ASP A 177 -4.19 -27.52 13.27
CA ASP A 177 -3.72 -27.74 11.91
C ASP A 177 -3.16 -26.40 11.38
N VAL A 178 -2.05 -26.51 10.65
CA VAL A 178 -1.39 -25.39 10.01
C VAL A 178 -2.35 -24.33 9.45
N SER A 179 -3.43 -24.77 8.79
CA SER A 179 -4.34 -23.84 8.13
C SER A 179 -5.23 -22.92 9.01
N GLU A 180 -5.27 -23.12 10.32
CA GLU A 180 -5.97 -22.16 11.20
CA GLU A 180 -5.96 -22.18 11.20
C GLU A 180 -5.17 -20.87 11.25
N ARG A 181 -5.80 -19.77 10.86
CA ARG A 181 -5.15 -18.47 10.93
C ARG A 181 -5.32 -17.91 12.33
N LEU A 182 -4.36 -17.09 12.76
CA LEU A 182 -4.46 -16.42 14.04
C LEU A 182 -4.95 -14.99 13.81
N GLN A 183 -5.44 -14.39 14.88
CA GLN A 183 -5.87 -13.00 14.80
CA GLN A 183 -5.94 -13.01 14.89
C GLN A 183 -4.94 -12.16 15.64
N MET A 184 -4.74 -10.93 15.19
CA MET A 184 -3.81 -10.00 15.80
C MET A 184 -4.63 -8.83 16.33
N PHE A 185 -4.24 -8.32 17.49
CA PHE A 185 -4.85 -7.12 18.06
C PHE A 185 -3.75 -6.23 18.63
N ASP A 186 -4.03 -4.93 18.75
CA ASP A 186 -3.17 -4.06 19.57
C ASP A 186 -3.15 -4.45 21.04
N ASP A 187 -1.97 -4.32 21.67
CA ASP A 187 -1.79 -4.67 23.07
C ASP A 187 -2.08 -3.45 23.90
N PRO A 188 -3.17 -3.49 24.70
CA PRO A 188 -3.60 -2.27 25.39
C PRO A 188 -2.55 -1.65 26.33
N ARG A 189 -1.76 -2.47 27.00
CA ARG A 189 -0.71 -1.96 27.87
C ARG A 189 0.56 -1.50 27.12
N ASN A 190 0.58 -1.71 25.81
CA ASN A 190 1.61 -1.16 24.93
C ASN A 190 0.99 -0.44 23.73
N LYS A 191 0.96 0.89 23.77
CA LYS A 191 1.00 1.66 22.53
C LYS A 191 2.01 1.01 21.58
N ARG A 192 1.51 0.61 20.40
CA ARG A 192 2.33 0.04 19.32
C ARG A 192 2.68 -1.46 19.42
N GLY A 193 2.43 -2.07 20.57
CA GLY A 193 2.61 -3.52 20.71
C GLY A 193 1.44 -4.23 20.07
N VAL A 194 1.61 -5.52 19.77
CA VAL A 194 0.48 -6.35 19.33
C VAL A 194 0.31 -7.57 20.24
N ILE A 195 -0.91 -8.09 20.29
CA ILE A 195 -1.13 -9.42 20.80
C ILE A 195 -1.55 -10.36 19.66
N ILE A 196 -0.85 -11.49 19.55
CA ILE A 196 -1.24 -12.50 18.59
C ILE A 196 -2.01 -13.59 19.31
N LYS A 197 -3.33 -13.55 19.15
CA LYS A 197 -4.19 -14.49 19.84
C LYS A 197 -3.88 -15.91 19.42
N GLY A 198 -3.52 -16.74 20.39
CA GLY A 198 -3.36 -18.18 20.15
C GLY A 198 -1.98 -18.65 19.73
N LEU A 199 -1.02 -17.74 19.56
CA LEU A 199 0.33 -18.11 19.14
C LEU A 199 1.01 -18.99 20.22
N GLU A 200 1.38 -20.22 19.90
CA GLU A 200 2.02 -21.09 20.89
C GLU A 200 3.42 -20.59 21.26
N GLU A 201 3.69 -20.44 22.56
CA GLU A 201 5.08 -20.34 23.00
C GLU A 201 5.51 -21.64 23.63
N ILE A 202 6.53 -22.27 23.04
CA ILE A 202 7.03 -23.54 23.52
C ILE A 202 8.25 -23.35 24.42
N THR A 203 8.16 -23.87 25.64
CA THR A 203 9.27 -23.74 26.57
C THR A 203 10.39 -24.70 26.17
N VAL A 204 11.60 -24.19 26.02
CA VAL A 204 12.71 -25.08 25.71
C VAL A 204 13.47 -25.32 27.01
N HIS A 205 13.32 -26.51 27.61
CA HIS A 205 13.82 -26.71 28.97
C HIS A 205 15.32 -26.91 29.05
N ASN A 206 15.90 -27.45 27.98
CA ASN A 206 17.36 -27.67 27.89
C ASN A 206 17.78 -27.88 26.42
N LYS A 207 19.07 -28.03 26.15
CA LYS A 207 19.51 -28.12 24.75
C LYS A 207 19.00 -29.39 24.04
N ASP A 208 18.63 -30.38 24.84
CA ASP A 208 18.24 -31.68 24.30
C ASP A 208 16.79 -31.70 23.79
N GLU A 209 16.11 -30.58 23.97
CA GLU A 209 14.71 -30.42 23.54
CA GLU A 209 14.72 -30.44 23.53
C GLU A 209 14.62 -29.61 22.25
N VAL A 210 15.74 -28.97 21.87
CA VAL A 210 15.79 -28.03 20.72
C VAL A 210 15.43 -28.66 19.39
N TYR A 211 16.09 -29.75 19.04
CA TYR A 211 16.03 -30.27 17.68
C TYR A 211 14.63 -30.70 17.28
N GLN A 212 13.96 -31.43 18.19
CA GLN A 212 12.65 -31.98 17.86
C GLN A 212 11.63 -30.84 17.75
N ILE A 213 11.84 -29.76 18.50
CA ILE A 213 10.99 -28.58 18.33
C ILE A 213 11.14 -28.02 16.90
N LEU A 214 12.38 -27.88 16.45
CA LEU A 214 12.65 -27.39 15.09
C LEU A 214 12.04 -28.35 14.08
N GLU A 215 12.23 -29.65 14.30
CA GLU A 215 11.68 -30.67 13.40
C GLU A 215 10.16 -30.57 13.23
N LYS A 216 9.43 -30.41 14.34
CA LYS A 216 7.99 -30.24 14.29
C LYS A 216 7.59 -29.01 13.47
N GLY A 217 8.30 -27.90 13.64
CA GLY A 217 8.17 -26.75 12.74
C GLY A 217 8.34 -27.06 11.25
N ALA A 218 9.43 -27.75 10.92
CA ALA A 218 9.69 -28.12 9.52
C ALA A 218 8.57 -29.00 8.93
N ALA A 219 8.04 -29.91 9.77
CA ALA A 219 6.91 -30.76 9.33
C ALA A 219 5.64 -29.92 9.05
N LYS A 220 5.34 -28.95 9.90
CA LYS A 220 4.17 -28.11 9.65
C LYS A 220 4.39 -27.27 8.39
N ARG A 221 5.62 -26.80 8.19
CA ARG A 221 5.98 -26.09 6.96
C ARG A 221 5.76 -26.87 5.65
N THR A 222 6.05 -28.16 5.67
CA THR A 222 5.73 -29.01 4.54
C THR A 222 4.25 -29.06 4.24
N THR A 223 3.41 -29.23 5.27
CA THR A 223 1.97 -29.18 5.09
C THR A 223 1.53 -27.84 4.48
N ALA A 224 2.00 -26.73 5.05
CA ALA A 224 1.79 -25.40 4.46
C ALA A 224 2.10 -25.29 2.97
N ALA A 225 3.27 -25.76 2.57
CA ALA A 225 3.69 -25.73 1.17
C ALA A 225 2.78 -26.50 0.24
N THR A 226 2.20 -27.59 0.73
CA THR A 226 1.31 -28.39 -0.10
C THR A 226 0.03 -27.60 -0.30
N LEU A 227 -0.35 -26.85 0.72
CA LEU A 227 -1.63 -26.14 0.72
CA LEU A 227 -1.62 -26.14 0.73
C LEU A 227 -1.58 -24.78 0.02
N MET A 228 -0.47 -24.06 0.18
CA MET A 228 -0.43 -22.68 -0.28
C MET A 228 0.59 -22.49 -1.37
N ASN A 229 0.22 -21.84 -2.46
CA ASN A 229 1.14 -21.69 -3.61
C ASN A 229 2.45 -20.95 -3.29
N ALA A 230 3.58 -21.49 -3.76
CA ALA A 230 4.91 -20.91 -3.56
C ALA A 230 5.11 -20.45 -2.10
N TYR A 231 4.63 -21.25 -1.16
CA TYR A 231 4.68 -20.88 0.25
C TYR A 231 6.05 -20.43 0.74
N SER A 232 7.09 -21.19 0.37
CA SER A 232 8.42 -20.97 0.92
C SER A 232 9.05 -19.67 0.42
N SER A 233 8.65 -19.22 -0.75
CA SER A 233 9.24 -17.99 -1.26
CA SER A 233 9.19 -17.99 -1.34
C SER A 233 8.39 -16.77 -0.90
N ARG A 234 7.08 -16.95 -0.69
CA ARG A 234 6.18 -15.79 -0.50
C ARG A 234 5.90 -15.51 0.95
N SER A 235 6.27 -16.43 1.84
CA SER A 235 5.94 -16.29 3.24
C SER A 235 7.05 -15.53 3.96
N HIS A 236 6.70 -14.88 5.07
CA HIS A 236 7.70 -14.24 5.94
C HIS A 236 7.67 -15.09 7.17
N SER A 237 8.82 -15.40 7.76
CA SER A 237 8.71 -16.11 9.04
C SER A 237 9.47 -15.41 10.14
N VAL A 238 8.89 -15.45 11.33
CA VAL A 238 9.46 -14.77 12.48
C VAL A 238 9.64 -15.81 13.58
N PHE A 239 10.89 -16.23 13.79
CA PHE A 239 11.22 -17.15 14.86
C PHE A 239 11.66 -16.32 16.09
N SER A 240 10.90 -16.39 17.19
CA SER A 240 11.15 -15.53 18.35
C SER A 240 11.70 -16.38 19.49
N VAL A 241 12.76 -15.91 20.14
CA VAL A 241 13.32 -16.56 21.32
C VAL A 241 13.24 -15.56 22.46
N THR A 242 12.56 -15.92 23.56
CA THR A 242 12.43 -15.04 24.71
C THR A 242 13.14 -15.68 25.90
N ILE A 243 14.07 -14.92 26.48
CA ILE A 243 14.88 -15.43 27.59
C ILE A 243 14.53 -14.59 28.82
N HIS A 244 13.93 -15.25 29.81
CA HIS A 244 13.47 -14.60 31.04
CA HIS A 244 13.48 -14.58 31.04
C HIS A 244 14.55 -14.90 32.08
N MET A 245 15.18 -13.86 32.64
CA MET A 245 16.36 -14.10 33.50
C MET A 245 16.18 -13.52 34.90
N LYS A 246 16.71 -14.22 35.91
CA LYS A 246 16.69 -13.76 37.30
C LYS A 246 18.06 -13.98 37.94
N GLU A 247 18.63 -12.90 38.48
CA GLU A 247 19.89 -12.97 39.23
C GLU A 247 19.58 -12.64 40.68
N THR A 248 20.31 -13.24 41.60
CA THR A 248 20.16 -12.90 43.01
C THR A 248 21.49 -12.29 43.49
N THR A 249 21.44 -11.10 44.10
CA THR A 249 22.64 -10.38 44.56
C THR A 249 23.09 -11.02 45.87
N ILE A 250 24.24 -10.56 46.38
CA ILE A 250 24.81 -11.12 47.60
CA ILE A 250 24.83 -11.07 47.62
C ILE A 250 23.91 -10.83 48.83
N ASP A 251 23.01 -9.87 48.68
CA ASP A 251 22.02 -9.53 49.73
C ASP A 251 20.62 -10.13 49.50
N GLY A 252 20.51 -11.06 48.57
CA GLY A 252 19.26 -11.80 48.36
C GLY A 252 18.25 -11.05 47.52
N GLU A 253 18.66 -9.93 46.94
CA GLU A 253 17.77 -9.18 46.04
C GLU A 253 17.74 -9.84 44.65
N GLU A 254 16.55 -9.92 44.07
CA GLU A 254 16.39 -10.49 42.73
C GLU A 254 16.44 -9.40 41.66
N LEU A 255 17.24 -9.62 40.62
CA LEU A 255 17.35 -8.68 39.50
C LEU A 255 16.72 -9.40 38.33
N VAL A 256 15.79 -8.74 37.64
CA VAL A 256 15.13 -9.37 36.48
C VAL A 256 15.62 -8.80 35.15
N LYS A 257 15.85 -9.67 34.16
CA LYS A 257 16.16 -9.23 32.80
C LYS A 257 15.31 -10.06 31.84
N ILE A 258 14.80 -9.42 30.80
CA ILE A 258 14.04 -10.15 29.79
C ILE A 258 14.64 -9.75 28.44
N GLY A 259 15.16 -10.72 27.70
CA GLY A 259 15.65 -10.42 26.36
C GLY A 259 14.83 -11.17 25.32
N LYS A 260 14.51 -10.49 24.21
CA LYS A 260 13.85 -11.17 23.10
C LYS A 260 14.67 -11.05 21.81
N LEU A 261 14.75 -12.13 21.06
CA LEU A 261 15.46 -12.11 19.78
C LEU A 261 14.46 -12.54 18.70
N ASN A 262 14.31 -11.71 17.65
CA ASN A 262 13.50 -12.12 16.50
C ASN A 262 14.42 -12.44 15.34
N LEU A 263 14.23 -13.59 14.74
CA LEU A 263 15.06 -14.02 13.63
C LEU A 263 14.10 -14.22 12.47
N VAL A 264 14.26 -13.35 11.51
CA VAL A 264 13.20 -13.16 10.53
C VAL A 264 13.74 -13.56 9.15
N ASP A 265 13.00 -14.43 8.48
CA ASP A 265 13.38 -14.91 7.14
C ASP A 265 12.32 -14.32 6.21
N LEU A 266 12.63 -13.19 5.60
CA LEU A 266 11.66 -12.46 4.76
C LEU A 266 11.25 -13.21 3.49
N ALA A 267 10.06 -12.90 2.95
CA ALA A 267 9.73 -13.27 1.58
C ALA A 267 10.80 -12.86 0.58
N GLY A 268 10.89 -13.62 -0.51
CA GLY A 268 11.88 -13.25 -1.54
C GLY A 268 11.58 -11.87 -2.11
N SER A 269 12.64 -11.09 -2.30
CA SER A 269 12.49 -9.73 -2.77
C SER A 269 12.25 -9.57 -4.28
N GLU A 270 12.26 -10.67 -5.04
CA GLU A 270 12.30 -10.60 -6.52
C GLU A 270 11.08 -9.95 -7.13
N ASN A 271 11.32 -9.31 -8.28
CA ASN A 271 10.27 -8.87 -9.20
C ASN A 271 9.83 -10.00 -10.12
N ASN A 287 1.89 -13.05 -5.49
CA ASN A 287 2.01 -11.94 -6.44
C ASN A 287 2.16 -10.53 -5.82
N ILE A 288 1.11 -10.01 -5.18
CA ILE A 288 1.22 -8.80 -4.35
C ILE A 288 1.57 -9.14 -2.90
N ASN A 289 2.74 -8.76 -2.43
CA ASN A 289 3.08 -9.12 -1.06
C ASN A 289 2.98 -7.86 -0.20
N GLN A 290 1.82 -7.61 0.41
CA GLN A 290 1.57 -6.36 1.18
C GLN A 290 2.62 -6.11 2.26
N SER A 291 3.03 -7.16 2.95
CA SER A 291 4.05 -7.02 3.99
C SER A 291 5.41 -6.63 3.47
N LEU A 292 5.84 -7.23 2.36
CA LEU A 292 7.10 -6.84 1.75
C LEU A 292 7.04 -5.44 1.16
N LEU A 293 5.93 -5.08 0.51
CA LEU A 293 5.76 -3.72 0.00
C LEU A 293 5.82 -2.72 1.16
N THR A 294 5.13 -3.05 2.25
CA THR A 294 5.04 -2.09 3.35
C THR A 294 6.39 -1.99 4.06
N LEU A 295 7.14 -3.10 4.13
CA LEU A 295 8.48 -2.96 4.74
C LEU A 295 9.32 -1.91 4.02
N GLY A 296 9.33 -1.96 2.69
CA GLY A 296 10.11 -1.03 1.88
C GLY A 296 9.65 0.40 2.12
N ARG A 297 8.34 0.59 2.27
CA ARG A 297 7.81 1.94 2.44
C ARG A 297 8.12 2.49 3.83
N VAL A 298 8.10 1.61 4.84
CA VAL A 298 8.54 1.94 6.21
C VAL A 298 10.01 2.36 6.20
N ILE A 299 10.85 1.58 5.53
CA ILE A 299 12.25 1.95 5.43
C ILE A 299 12.44 3.35 4.78
N THR A 300 11.77 3.57 3.67
CA THR A 300 11.80 4.86 2.99
C THR A 300 11.36 6.02 3.87
N ALA A 301 10.24 5.84 4.57
CA ALA A 301 9.74 6.87 5.47
C ALA A 301 10.76 7.19 6.57
N LEU A 302 11.36 6.16 7.15
CA LEU A 302 12.38 6.32 8.19
C LEU A 302 13.61 7.03 7.70
N VAL A 303 14.19 6.59 6.58
CA VAL A 303 15.42 7.21 6.06
C VAL A 303 15.19 8.63 5.52
N GLU A 304 14.01 8.89 4.97
CA GLU A 304 13.63 10.26 4.55
C GLU A 304 13.11 11.17 5.68
N ARG A 305 12.99 10.61 6.88
CA ARG A 305 12.55 11.37 8.03
C ARG A 305 11.14 11.94 7.88
N THR A 306 10.33 11.27 7.07
CA THR A 306 8.91 11.56 6.98
C THR A 306 8.24 11.32 8.34
N PRO A 307 7.34 12.23 8.74
CA PRO A 307 6.76 12.06 10.08
C PRO A 307 5.77 10.91 10.18
N HIS A 308 5.03 10.63 9.09
CA HIS A 308 4.20 9.44 9.09
C HIS A 308 4.96 8.21 8.57
N VAL A 309 5.08 7.19 9.39
CA VAL A 309 5.72 5.94 8.98
C VAL A 309 4.64 4.87 8.91
N PRO A 310 4.48 4.21 7.75
CA PRO A 310 3.25 3.40 7.59
C PRO A 310 3.27 1.98 8.18
N TYR A 311 3.65 1.83 9.45
CA TYR A 311 3.72 0.54 10.16
C TYR A 311 2.42 -0.24 10.04
N ARG A 312 1.32 0.48 10.16
CA ARG A 312 0.03 -0.17 10.32
C ARG A 312 -0.49 -0.78 9.02
N GLU A 313 0.18 -0.50 7.89
CA GLU A 313 -0.29 -0.98 6.57
C GLU A 313 0.02 -2.43 6.25
N SER A 314 0.79 -3.12 7.11
CA SER A 314 0.88 -4.59 6.95
C SER A 314 1.05 -5.28 8.28
N LYS A 315 0.78 -6.58 8.27
CA LYS A 315 0.99 -7.36 9.50
C LYS A 315 2.46 -7.46 9.91
N LEU A 316 3.35 -7.68 8.94
CA LEU A 316 4.77 -7.76 9.22
C LEU A 316 5.28 -6.50 9.97
N THR A 317 4.95 -5.33 9.45
CA THR A 317 5.48 -4.10 10.05
C THR A 317 4.76 -3.73 11.37
N ARG A 318 3.54 -4.20 11.57
CA ARG A 318 2.86 -4.01 12.86
C ARG A 318 3.56 -4.90 13.90
N ILE A 319 3.83 -6.12 13.49
CA ILE A 319 4.46 -7.06 14.42
C ILE A 319 5.88 -6.59 14.76
N LEU A 320 6.63 -6.09 13.77
CA LEU A 320 8.02 -5.77 13.99
C LEU A 320 8.29 -4.27 14.11
N GLN A 321 7.25 -3.51 14.42
CA GLN A 321 7.36 -2.06 14.50
C GLN A 321 8.59 -1.58 15.29
N ASP A 322 8.79 -2.19 16.46
CA ASP A 322 9.86 -1.76 17.34
C ASP A 322 11.27 -2.02 16.79
N SER A 323 11.37 -2.92 15.81
CA SER A 323 12.63 -3.23 15.12
C SER A 323 12.99 -2.24 14.03
N LEU A 324 12.06 -1.36 13.66
CA LEU A 324 12.30 -0.45 12.56
C LEU A 324 12.17 1.00 13.06
N GLY A 325 13.26 1.58 13.53
CA GLY A 325 13.22 2.94 14.10
C GLY A 325 12.70 2.98 15.53
N GLY A 326 12.71 1.83 16.19
CA GLY A 326 12.18 1.73 17.55
C GLY A 326 13.31 1.46 18.53
N ARG A 327 13.01 0.73 19.59
CA ARG A 327 13.96 0.51 20.69
C ARG A 327 14.64 -0.88 20.65
N THR A 328 14.55 -1.55 19.52
CA THR A 328 15.14 -2.88 19.36
C THR A 328 16.45 -2.71 18.56
N ARG A 329 17.49 -3.44 18.91
CA ARG A 329 18.73 -3.41 18.16
C ARG A 329 18.57 -4.31 16.92
N THR A 330 18.77 -3.76 15.72
CA THR A 330 18.35 -4.48 14.51
C THR A 330 19.55 -4.69 13.60
N SER A 331 19.66 -5.86 12.97
CA SER A 331 20.61 -6.10 11.88
C SER A 331 19.88 -6.65 10.66
N ILE A 332 20.37 -6.35 9.47
CA ILE A 332 19.85 -6.90 8.27
C ILE A 332 21.02 -7.66 7.59
N ILE A 333 20.75 -8.92 7.26
CA ILE A 333 21.63 -9.71 6.40
C ILE A 333 21.06 -9.78 4.99
N ALA A 334 21.68 -9.06 4.07
CA ALA A 334 21.20 -8.99 2.70
C ALA A 334 21.95 -10.03 1.91
N THR A 335 21.20 -10.93 1.28
CA THR A 335 21.81 -12.09 0.61
C THR A 335 21.78 -11.84 -0.89
N ILE A 336 22.87 -12.21 -1.56
CA ILE A 336 22.98 -11.96 -3.02
C ILE A 336 23.55 -13.21 -3.72
N SER A 337 23.42 -13.22 -5.03
CA SER A 337 23.91 -14.27 -5.91
C SER A 337 25.21 -13.88 -6.63
N PRO A 338 26.11 -14.85 -6.90
CA PRO A 338 27.33 -14.58 -7.67
C PRO A 338 27.10 -14.51 -9.19
N ALA A 339 25.92 -14.93 -9.63
CA ALA A 339 25.70 -15.31 -11.03
C ALA A 339 25.31 -14.09 -11.84
N SER A 340 25.84 -13.97 -13.06
CA SER A 340 25.49 -12.88 -13.97
CA SER A 340 25.50 -12.90 -14.00
C SER A 340 24.00 -12.87 -14.25
N LEU A 341 23.36 -14.03 -14.30
CA LEU A 341 21.91 -14.12 -14.55
C LEU A 341 21.15 -13.21 -13.59
N ASN A 342 21.65 -13.15 -12.36
CA ASN A 342 20.93 -12.47 -11.29
C ASN A 342 21.36 -11.03 -11.09
N LEU A 343 22.14 -10.49 -12.03
CA LEU A 343 22.63 -9.11 -11.91
C LEU A 343 21.61 -8.06 -11.42
N GLU A 344 20.47 -7.92 -12.08
CA GLU A 344 19.58 -6.82 -11.70
C GLU A 344 18.97 -6.99 -10.29
N GLU A 345 18.62 -8.21 -9.92
CA GLU A 345 18.09 -8.39 -8.57
C GLU A 345 19.19 -8.19 -7.52
N THR A 346 20.41 -8.64 -7.82
CA THR A 346 21.54 -8.32 -6.94
C THR A 346 21.71 -6.84 -6.71
N LEU A 347 21.68 -6.05 -7.78
CA LEU A 347 21.80 -4.61 -7.65
C LEU A 347 20.66 -4.04 -6.83
N SER A 348 19.45 -4.52 -7.08
CA SER A 348 18.28 -4.07 -6.33
CA SER A 348 18.27 -4.08 -6.31
C SER A 348 18.42 -4.37 -4.83
N THR A 349 18.89 -5.58 -4.51
CA THR A 349 19.11 -5.94 -3.11
C THR A 349 20.15 -5.04 -2.45
N LEU A 350 21.25 -4.79 -3.17
CA LEU A 350 22.34 -3.98 -2.62
C LEU A 350 21.93 -2.52 -2.42
N GLU A 351 21.18 -1.96 -3.36
CA GLU A 351 20.65 -0.59 -3.19
C GLU A 351 19.69 -0.51 -2.01
N TYR A 352 18.82 -1.53 -1.88
CA TYR A 352 17.82 -1.54 -0.81
C TYR A 352 18.52 -1.65 0.53
N ALA A 353 19.47 -2.57 0.61
CA ALA A 353 20.23 -2.72 1.86
C ALA A 353 21.07 -1.48 2.15
N HIS A 354 21.71 -0.90 1.14
CA HIS A 354 22.55 0.25 1.40
C HIS A 354 21.74 1.45 1.96
N ARG A 355 20.56 1.67 1.42
CA ARG A 355 19.65 2.69 1.96
C ARG A 355 19.26 2.43 3.42
N ALA A 356 18.98 1.15 3.74
CA ALA A 356 18.54 0.78 5.08
C ALA A 356 19.58 1.10 6.16
N LYS A 357 20.85 1.24 5.78
CA LYS A 357 21.90 1.61 6.73
C LYS A 357 21.59 2.90 7.48
N ASN A 358 20.79 3.75 6.88
CA ASN A 358 20.44 5.03 7.48
C ASN A 358 19.31 5.03 8.52
N ILE A 359 18.72 3.87 8.76
CA ILE A 359 17.69 3.74 9.78
C ILE A 359 18.30 3.91 11.18
N LEU A 360 17.68 4.77 12.00
CA LEU A 360 18.16 5.00 13.37
C LEU A 360 17.25 4.40 14.43
N ASN A 361 17.80 3.47 15.20
CA ASN A 361 17.12 2.86 16.34
C ASN A 361 17.70 3.37 17.66
N LYS A 362 16.95 3.22 18.75
CA LYS A 362 17.43 3.60 20.08
C LYS A 362 17.33 2.43 21.08
N PRO A 363 18.28 1.47 21.02
CA PRO A 363 18.15 0.25 21.82
C PRO A 363 18.13 0.51 23.34
N GLU A 364 17.46 -0.37 24.07
CA GLU A 364 16.99 -0.14 25.44
C GLU A 364 16.71 1.32 25.80
N LYS B 17 -2.97 13.70 -24.43
CA LYS B 17 -3.73 14.72 -23.68
C LYS B 17 -3.44 14.57 -22.16
N ASN B 18 -2.71 15.52 -21.56
CA ASN B 18 -2.51 15.59 -20.11
C ASN B 18 -3.87 15.63 -19.39
N ILE B 19 -3.98 14.93 -18.27
CA ILE B 19 -5.14 15.00 -17.37
C ILE B 19 -5.37 16.47 -17.05
N GLN B 20 -6.62 16.95 -17.13
CA GLN B 20 -6.86 18.33 -16.72
C GLN B 20 -7.28 18.40 -15.27
N VAL B 21 -6.79 19.40 -14.56
CA VAL B 21 -7.01 19.54 -13.12
C VAL B 21 -7.56 20.93 -12.86
N VAL B 22 -8.71 20.93 -12.17
CA VAL B 22 -9.48 22.11 -11.81
CA VAL B 22 -9.36 22.16 -11.80
C VAL B 22 -9.57 22.19 -10.30
N VAL B 23 -9.51 23.40 -9.75
CA VAL B 23 -9.69 23.56 -8.31
C VAL B 23 -11.01 24.27 -8.06
N ARG B 24 -11.78 23.83 -7.07
CA ARG B 24 -12.98 24.60 -6.68
C ARG B 24 -12.99 24.92 -5.18
N CYS B 25 -12.96 26.20 -4.81
CA CYS B 25 -13.05 26.56 -3.41
C CYS B 25 -14.51 26.72 -3.01
N ARG B 26 -14.90 26.12 -1.88
CA ARG B 26 -16.27 26.31 -1.37
C ARG B 26 -16.39 27.66 -0.64
N PRO B 27 -17.58 28.25 -0.61
CA PRO B 27 -17.78 29.45 0.22
C PRO B 27 -17.79 29.11 1.70
N PHE B 28 -17.56 30.12 2.55
CA PHE B 28 -17.90 30.03 3.98
C PHE B 28 -19.37 29.67 4.19
N ASN B 29 -19.61 28.82 5.19
CA ASN B 29 -20.98 28.52 5.63
C ASN B 29 -21.50 29.54 6.68
N LEU B 30 -22.67 29.27 7.24
CA LEU B 30 -23.36 30.17 8.18
C LEU B 30 -22.49 30.49 9.40
N ALA B 31 -21.95 29.44 10.01
CA ALA B 31 -21.12 29.53 11.21
C ALA B 31 -19.85 30.33 10.95
N GLU B 32 -19.27 30.15 9.77
CA GLU B 32 -18.00 30.79 9.47
C GLU B 32 -18.19 32.29 9.30
N ARG B 33 -19.25 32.65 8.58
CA ARG B 33 -19.63 34.05 8.38
CA ARG B 33 -19.61 34.05 8.39
C ARG B 33 -19.97 34.73 9.71
N LYS B 34 -20.69 34.02 10.58
CA LYS B 34 -21.08 34.56 11.87
CA LYS B 34 -21.08 34.59 11.87
C LYS B 34 -19.84 34.87 12.72
N ALA B 35 -18.81 34.05 12.56
CA ALA B 35 -17.57 34.18 13.33
C ALA B 35 -16.58 35.14 12.67
N SER B 36 -17.06 35.81 11.62
CA SER B 36 -16.24 36.72 10.80
C SER B 36 -14.95 36.10 10.24
N ALA B 37 -15.05 34.87 9.72
CA ALA B 37 -13.85 34.18 9.23
C ALA B 37 -13.26 34.97 8.07
N HIS B 38 -11.94 35.01 7.99
CA HIS B 38 -11.26 35.60 6.82
C HIS B 38 -10.63 34.49 5.95
N SER B 39 -10.94 34.50 4.67
CA SER B 39 -10.50 33.41 3.81
C SER B 39 -8.98 33.39 3.70
N ILE B 40 -8.36 32.20 3.79
CA ILE B 40 -6.93 32.09 3.47
C ILE B 40 -6.63 31.81 1.99
N VAL B 41 -7.69 31.75 1.18
CA VAL B 41 -7.57 31.37 -0.23
C VAL B 41 -8.02 32.51 -1.14
N GLU B 42 -7.20 32.87 -2.12
CA GLU B 42 -7.63 33.80 -3.18
C GLU B 42 -7.57 33.07 -4.50
N CYS B 43 -8.70 33.01 -5.19
CA CYS B 43 -8.74 32.43 -6.52
C CYS B 43 -8.71 33.52 -7.61
N ASP B 44 -7.95 33.27 -8.68
CA ASP B 44 -7.85 34.20 -9.80
C ASP B 44 -8.07 33.39 -11.08
N PRO B 45 -9.33 33.24 -11.49
CA PRO B 45 -9.71 32.38 -12.62
C PRO B 45 -9.08 32.74 -13.96
N VAL B 46 -8.93 34.03 -14.20
CA VAL B 46 -8.24 34.52 -15.38
C VAL B 46 -6.83 33.97 -15.48
N ARG B 47 -6.07 34.16 -14.41
CA ARG B 47 -4.70 33.66 -14.40
CA ARG B 47 -4.69 33.69 -14.27
C ARG B 47 -4.60 32.19 -13.96
N LYS B 48 -5.76 31.55 -13.75
CA LYS B 48 -5.86 30.13 -13.39
C LYS B 48 -5.08 29.77 -12.14
N GLU B 49 -5.20 30.61 -11.13
CA GLU B 49 -4.28 30.54 -10.02
C GLU B 49 -5.04 30.50 -8.70
N VAL B 50 -4.50 29.76 -7.75
CA VAL B 50 -5.05 29.77 -6.41
C VAL B 50 -3.89 30.21 -5.58
N SER B 51 -4.11 31.12 -4.66
CA SER B 51 -3.04 31.60 -3.81
C SER B 51 -3.53 31.38 -2.38
N VAL B 52 -2.65 30.85 -1.52
CA VAL B 52 -2.98 30.43 -0.15
C VAL B 52 -2.06 31.14 0.84
N ARG B 53 -2.63 31.81 1.83
CA ARG B 53 -1.90 32.37 2.95
C ARG B 53 -1.47 31.31 3.94
N THR B 54 -0.17 31.14 4.09
CA THR B 54 0.41 29.97 4.76
C THR B 54 1.02 30.43 6.06
N GLY B 55 0.94 31.73 6.29
CA GLY B 55 1.68 32.40 7.36
C GLY B 55 1.68 33.92 7.13
N GLY B 56 2.43 34.60 8.00
CA GLY B 56 2.72 36.03 7.88
C GLY B 56 1.60 36.95 8.37
N LEU B 57 0.43 36.37 8.65
CA LEU B 57 -0.83 37.10 8.78
C LEU B 57 -0.79 38.28 9.75
N ALA B 58 -1.30 39.44 9.31
CA ALA B 58 -1.42 40.64 10.15
C ALA B 58 -0.81 41.77 9.28
N ASP B 59 -1.44 42.29 8.31
CA ASP B 59 -0.85 43.28 7.39
C ASP B 59 0.06 42.86 6.22
N LYS B 60 0.39 41.59 6.19
CA LYS B 60 1.64 41.10 5.60
C LYS B 60 1.66 39.59 5.82
N SER B 61 2.37 38.87 4.97
CA SER B 61 2.31 37.44 5.09
C SER B 61 3.03 36.69 3.97
N SER B 62 3.15 35.38 4.13
CA SER B 62 3.67 34.51 3.08
CA SER B 62 3.66 34.54 3.06
C SER B 62 2.50 33.88 2.34
N ARG B 63 2.69 33.56 1.08
CA ARG B 63 1.69 32.83 0.35
CA ARG B 63 1.66 32.86 0.34
C ARG B 63 2.33 31.79 -0.51
N LYS B 64 1.58 30.72 -0.77
CA LYS B 64 1.97 29.76 -1.79
C LYS B 64 0.96 29.84 -2.94
N THR B 65 1.45 29.92 -4.18
CA THR B 65 0.57 29.97 -5.34
C THR B 65 0.74 28.74 -6.23
N TYR B 66 -0.35 28.36 -6.88
CA TYR B 66 -0.35 27.19 -7.77
C TYR B 66 -1.17 27.54 -9.02
N THR B 67 -0.74 27.06 -10.18
CA THR B 67 -1.53 27.27 -11.39
C THR B 67 -2.15 25.96 -11.86
N PHE B 68 -3.40 26.01 -12.29
CA PHE B 68 -4.14 24.81 -12.69
C PHE B 68 -4.73 25.02 -14.07
N ASP B 69 -5.40 24.01 -14.60
CA ASP B 69 -6.12 24.16 -15.85
C ASP B 69 -7.33 25.12 -15.74
N MET B 70 -8.02 25.08 -14.61
CA MET B 70 -9.05 26.08 -14.28
C MET B 70 -9.11 26.25 -12.78
N VAL B 71 -9.55 27.43 -12.36
CA VAL B 71 -9.75 27.67 -10.94
C VAL B 71 -11.10 28.34 -10.74
N PHE B 72 -11.89 27.81 -9.80
CA PHE B 72 -13.20 28.32 -9.50
C PHE B 72 -13.24 28.75 -8.03
N GLY B 73 -13.51 30.03 -7.80
CA GLY B 73 -13.56 30.52 -6.43
C GLY B 73 -14.86 30.23 -5.73
N ALA B 74 -14.98 30.74 -4.51
CA ALA B 74 -16.15 30.63 -3.66
C ALA B 74 -17.49 31.05 -4.30
N SER B 75 -17.47 32.02 -5.22
CA SER B 75 -18.70 32.51 -5.83
C SER B 75 -19.21 31.62 -6.93
N THR B 76 -18.45 30.59 -7.27
CA THR B 76 -18.81 29.70 -8.36
C THR B 76 -20.07 28.90 -8.05
N LYS B 77 -21.02 28.94 -8.99
CA LYS B 77 -22.27 28.24 -8.89
C LYS B 77 -22.20 26.94 -9.70
N GLN B 78 -23.14 26.05 -9.44
CA GLN B 78 -23.17 24.73 -10.08
C GLN B 78 -23.25 24.84 -11.62
N ILE B 79 -24.06 25.76 -12.11
CA ILE B 79 -24.17 25.92 -13.55
CA ILE B 79 -24.19 26.02 -13.55
C ILE B 79 -22.84 26.41 -14.17
N ASP B 80 -22.03 27.17 -13.41
CA ASP B 80 -20.73 27.62 -13.94
C ASP B 80 -19.83 26.40 -14.16
N VAL B 81 -19.83 25.49 -13.20
CA VAL B 81 -19.02 24.28 -13.30
C VAL B 81 -19.52 23.48 -14.50
N TYR B 82 -20.83 23.42 -14.66
CA TYR B 82 -21.36 22.60 -15.70
CA TYR B 82 -21.46 22.64 -15.71
C TYR B 82 -21.05 23.16 -17.09
N ARG B 83 -21.16 24.47 -17.26
CA ARG B 83 -20.96 25.08 -18.59
C ARG B 83 -19.49 24.99 -19.01
N SER B 84 -18.58 25.18 -18.06
CA SER B 84 -17.13 25.26 -18.29
C SER B 84 -16.48 23.91 -18.30
N VAL B 85 -16.94 22.99 -17.47
CA VAL B 85 -16.21 21.72 -17.30
C VAL B 85 -16.95 20.53 -17.91
N VAL B 86 -18.23 20.39 -17.54
CA VAL B 86 -18.97 19.18 -17.87
C VAL B 86 -19.41 19.17 -19.33
N CYS B 87 -19.90 20.29 -19.85
CA CYS B 87 -20.42 20.31 -21.22
CA CYS B 87 -20.45 20.36 -21.14
C CYS B 87 -19.43 19.83 -22.27
N PRO B 88 -18.20 20.35 -22.23
CA PRO B 88 -17.21 19.92 -23.20
C PRO B 88 -16.96 18.44 -23.06
N ILE B 89 -16.88 17.95 -21.83
CA ILE B 89 -16.61 16.52 -21.61
C ILE B 89 -17.79 15.67 -22.09
N LEU B 90 -19.03 16.08 -21.79
CA LEU B 90 -20.19 15.34 -22.28
C LEU B 90 -20.25 15.27 -23.82
N ASP B 91 -19.98 16.40 -24.49
CA ASP B 91 -19.89 16.38 -25.95
C ASP B 91 -18.88 15.33 -26.46
N GLU B 92 -17.74 15.18 -25.80
CA GLU B 92 -16.79 14.13 -26.21
C GLU B 92 -17.33 12.71 -25.95
N VAL B 93 -18.02 12.52 -24.83
CA VAL B 93 -18.69 11.25 -24.58
C VAL B 93 -19.71 10.96 -25.70
N ILE B 94 -20.42 11.97 -26.15
CA ILE B 94 -21.45 11.73 -27.16
C ILE B 94 -20.82 11.44 -28.53
N MET B 95 -19.57 11.90 -28.74
CA MET B 95 -18.75 11.54 -29.91
C MET B 95 -18.20 10.14 -29.87
N GLY B 96 -18.47 9.41 -28.80
CA GLY B 96 -18.07 8.00 -28.68
C GLY B 96 -16.76 7.79 -27.96
N TYR B 97 -16.38 8.74 -27.09
CA TYR B 97 -15.15 8.56 -26.32
C TYR B 97 -15.53 8.11 -24.89
N ASN B 98 -14.56 7.70 -24.11
CA ASN B 98 -14.76 7.46 -22.69
CA ASN B 98 -14.83 7.53 -22.71
C ASN B 98 -14.08 8.57 -21.89
N CYS B 99 -14.74 9.05 -20.84
CA CYS B 99 -14.23 10.20 -20.06
C CYS B 99 -14.45 9.87 -18.60
N THR B 100 -13.59 10.40 -17.76
CA THR B 100 -13.74 10.23 -16.30
C THR B 100 -13.54 11.60 -15.63
N ILE B 101 -14.38 11.91 -14.64
CA ILE B 101 -14.15 13.07 -13.80
C ILE B 101 -14.09 12.57 -12.34
N PHE B 102 -13.00 12.90 -11.66
CA PHE B 102 -12.86 12.63 -10.22
C PHE B 102 -13.11 13.89 -9.42
N ALA B 103 -13.68 13.75 -8.22
CA ALA B 103 -13.61 14.81 -7.21
C ALA B 103 -12.72 14.33 -6.06
N TYR B 104 -11.79 15.18 -5.63
CA TYR B 104 -10.75 14.80 -4.69
C TYR B 104 -10.65 15.96 -3.71
N GLY B 105 -10.51 15.65 -2.43
CA GLY B 105 -10.31 16.70 -1.43
C GLY B 105 -10.77 16.23 -0.06
N GLN B 106 -10.51 17.05 0.94
CA GLN B 106 -10.86 16.74 2.32
C GLN B 106 -12.39 16.64 2.48
N THR B 107 -12.86 15.71 3.29
CA THR B 107 -14.26 15.76 3.76
C THR B 107 -14.65 17.17 4.21
N GLY B 108 -15.78 17.62 3.68
CA GLY B 108 -16.31 18.91 4.03
C GLY B 108 -16.07 20.00 3.02
N THR B 109 -15.39 19.69 1.92
CA THR B 109 -14.94 20.74 0.98
C THR B 109 -15.81 20.83 -0.28
N GLY B 110 -16.67 19.84 -0.49
CA GLY B 110 -17.68 19.91 -1.56
C GLY B 110 -17.54 18.89 -2.70
N LYS B 111 -16.89 17.75 -2.44
CA LYS B 111 -16.83 16.66 -3.44
C LYS B 111 -18.23 16.19 -3.83
N THR B 112 -19.02 15.82 -2.83
CA THR B 112 -20.40 15.40 -3.10
C THR B 112 -21.29 16.54 -3.61
N PHE B 113 -21.13 17.73 -3.04
CA PHE B 113 -21.83 18.91 -3.58
C PHE B 113 -21.52 19.11 -5.07
N THR B 114 -20.26 19.03 -5.47
CA THR B 114 -19.91 19.14 -6.87
C THR B 114 -20.46 18.01 -7.76
N MET B 115 -20.19 16.77 -7.35
CA MET B 115 -20.52 15.63 -8.20
CA MET B 115 -20.53 15.59 -8.16
C MET B 115 -22.01 15.33 -8.23
N GLU B 116 -22.69 15.51 -7.10
CA GLU B 116 -24.09 15.18 -6.99
C GLU B 116 -24.99 16.42 -6.89
N GLY B 117 -24.55 17.40 -6.10
CA GLY B 117 -25.37 18.53 -5.66
C GLY B 117 -26.42 18.15 -4.60
N GLU B 118 -27.35 19.07 -4.35
CA GLU B 118 -28.28 18.99 -3.22
C GLU B 118 -29.62 19.53 -3.73
N ARG B 119 -30.67 19.41 -2.93
CA ARG B 119 -31.92 20.09 -3.25
C ARG B 119 -32.03 21.42 -2.51
N SER B 120 -32.59 22.42 -3.20
CA SER B 120 -32.94 23.68 -2.61
C SER B 120 -34.05 23.39 -1.62
N PRO B 121 -34.00 24.01 -0.45
CA PRO B 121 -34.98 23.65 0.59
C PRO B 121 -36.44 23.98 0.24
N ASN B 122 -37.36 23.31 0.92
CA ASN B 122 -38.75 23.66 0.85
C ASN B 122 -39.38 23.46 -0.52
N GLU B 123 -38.87 22.49 -1.27
CA GLU B 123 -39.50 22.10 -2.53
C GLU B 123 -39.61 23.27 -3.53
N GLU B 124 -38.70 24.22 -3.43
CA GLU B 124 -38.72 25.38 -4.30
C GLU B 124 -38.64 25.07 -5.80
N TYR B 125 -37.87 24.05 -6.17
CA TYR B 125 -37.64 23.74 -7.58
C TYR B 125 -37.93 22.28 -7.87
N THR B 126 -38.21 21.97 -9.13
CA THR B 126 -38.10 20.60 -9.59
C THR B 126 -36.62 20.21 -9.72
N TRP B 127 -36.35 18.90 -9.82
CA TRP B 127 -34.95 18.46 -9.84
C TRP B 127 -34.26 18.96 -11.12
N GLU B 128 -35.03 19.11 -12.20
CA GLU B 128 -34.50 19.50 -13.52
C GLU B 128 -33.97 20.93 -13.50
N GLU B 129 -34.54 21.76 -12.63
CA GLU B 129 -34.30 23.19 -12.62
C GLU B 129 -33.55 23.65 -11.37
N ASP B 130 -33.25 22.73 -10.46
CA ASP B 130 -32.71 23.15 -9.17
C ASP B 130 -31.29 23.72 -9.37
N PRO B 131 -31.05 24.98 -8.94
CA PRO B 131 -29.71 25.54 -9.09
C PRO B 131 -28.65 24.81 -8.29
N LEU B 132 -29.03 24.03 -7.28
CA LEU B 132 -28.04 23.29 -6.51
C LEU B 132 -27.71 21.90 -7.06
N ALA B 133 -28.34 21.51 -8.16
CA ALA B 133 -28.00 20.24 -8.81
C ALA B 133 -26.54 20.19 -9.22
N GLY B 134 -25.89 19.05 -9.03
CA GLY B 134 -24.49 18.94 -9.45
C GLY B 134 -24.29 18.18 -10.77
N ILE B 135 -23.12 17.56 -10.91
CA ILE B 135 -22.69 17.04 -12.20
C ILE B 135 -23.56 15.87 -12.69
N ILE B 136 -23.80 14.90 -11.81
CA ILE B 136 -24.57 13.72 -12.21
C ILE B 136 -26.00 14.04 -12.72
N PRO B 137 -26.83 14.75 -11.94
CA PRO B 137 -28.16 14.97 -12.51
C PRO B 137 -28.16 15.88 -13.76
N ARG B 138 -27.33 16.91 -13.77
CA ARG B 138 -27.25 17.81 -14.94
C ARG B 138 -26.85 17.05 -16.19
N THR B 139 -25.86 16.17 -16.06
CA THR B 139 -25.41 15.31 -17.15
C THR B 139 -26.57 14.41 -17.65
N LEU B 140 -27.28 13.77 -16.74
CA LEU B 140 -28.32 12.86 -17.19
C LEU B 140 -29.44 13.65 -17.87
N HIS B 141 -29.82 14.79 -17.28
CA HIS B 141 -30.81 15.65 -17.89
C HIS B 141 -30.40 16.10 -19.31
N GLN B 142 -29.14 16.49 -19.47
CA GLN B 142 -28.62 17.00 -20.76
CA GLN B 142 -28.65 17.00 -20.76
C GLN B 142 -28.45 15.94 -21.84
N ILE B 143 -28.09 14.72 -21.46
CA ILE B 143 -28.04 13.62 -22.43
C ILE B 143 -29.42 13.48 -23.10
N PHE B 144 -30.51 13.45 -22.33
CA PHE B 144 -31.84 13.36 -22.92
C PHE B 144 -32.25 14.60 -23.69
N GLU B 145 -31.87 15.78 -23.18
CA GLU B 145 -32.13 17.04 -23.87
C GLU B 145 -31.42 17.05 -25.22
N LYS B 146 -30.17 16.63 -25.26
CA LYS B 146 -29.38 16.71 -26.50
C LYS B 146 -29.78 15.69 -27.55
N LEU B 147 -30.03 14.45 -27.14
CA LEU B 147 -30.18 13.36 -28.10
C LEU B 147 -31.63 13.15 -28.52
N THR B 148 -32.57 13.61 -27.70
CA THR B 148 -33.98 13.26 -27.90
C THR B 148 -34.53 13.95 -29.14
N ASP B 149 -34.94 13.13 -30.11
CA ASP B 149 -35.47 13.61 -31.38
C ASP B 149 -34.51 14.53 -32.15
N ASN B 150 -33.22 14.19 -32.13
CA ASN B 150 -32.21 14.97 -32.83
C ASN B 150 -31.51 14.16 -33.93
N GLY B 151 -32.19 13.17 -34.48
CA GLY B 151 -31.56 12.29 -35.45
C GLY B 151 -30.91 11.07 -34.83
N THR B 152 -30.91 10.98 -33.49
CA THR B 152 -30.21 9.88 -32.78
C THR B 152 -31.14 8.93 -32.02
N GLU B 153 -31.03 7.64 -32.33
CA GLU B 153 -31.62 6.58 -31.51
C GLU B 153 -30.61 6.26 -30.43
N PHE B 154 -31.01 6.22 -29.16
CA PHE B 154 -30.01 6.01 -28.12
C PHE B 154 -30.62 5.29 -26.92
N SER B 155 -29.75 4.65 -26.14
CA SER B 155 -30.13 4.08 -24.83
C SER B 155 -29.09 4.47 -23.82
N VAL B 156 -29.54 4.74 -22.60
CA VAL B 156 -28.64 5.18 -21.52
C VAL B 156 -28.73 4.09 -20.45
N LYS B 157 -27.58 3.65 -19.96
CA LYS B 157 -27.49 2.72 -18.84
C LYS B 157 -26.67 3.37 -17.72
N VAL B 158 -27.11 3.23 -16.46
CA VAL B 158 -26.32 3.72 -15.34
C VAL B 158 -26.00 2.62 -14.33
N SER B 159 -24.86 2.76 -13.66
CA SER B 159 -24.60 1.94 -12.50
C SER B 159 -23.83 2.74 -11.45
N LEU B 160 -23.86 2.26 -10.21
CA LEU B 160 -23.21 2.96 -9.11
C LEU B 160 -22.52 1.93 -8.24
N LEU B 161 -21.20 1.92 -8.32
CA LEU B 161 -20.40 0.92 -7.67
C LEU B 161 -19.60 1.68 -6.64
N GLU B 162 -19.55 1.15 -5.44
CA GLU B 162 -18.90 1.81 -4.34
C GLU B 162 -17.91 0.85 -3.67
N ILE B 163 -16.84 1.44 -3.17
CA ILE B 163 -15.75 0.68 -2.55
C ILE B 163 -15.58 1.19 -1.12
N TYR B 164 -15.71 0.28 -0.16
CA TYR B 164 -15.51 0.58 1.23
C TYR B 164 -14.69 -0.55 1.81
N ASN B 165 -13.57 -0.21 2.42
CA ASN B 165 -12.66 -1.22 2.96
C ASN B 165 -12.30 -2.27 1.93
N GLU B 166 -12.05 -1.85 0.69
CA GLU B 166 -11.77 -2.79 -0.42
C GLU B 166 -12.84 -3.83 -0.67
N GLU B 167 -14.09 -3.56 -0.28
CA GLU B 167 -15.18 -4.40 -0.73
C GLU B 167 -16.02 -3.58 -1.68
N LEU B 168 -16.83 -4.26 -2.49
CA LEU B 168 -17.56 -3.60 -3.55
C LEU B 168 -19.04 -3.77 -3.33
N PHE B 169 -19.75 -2.67 -3.56
CA PHE B 169 -21.19 -2.55 -3.29
C PHE B 169 -21.90 -1.94 -4.48
N ASP B 170 -23.09 -2.44 -4.77
CA ASP B 170 -23.95 -1.90 -5.81
C ASP B 170 -25.05 -1.08 -5.17
N LEU B 171 -25.03 0.23 -5.38
CA LEU B 171 -25.93 1.14 -4.66
C LEU B 171 -27.20 1.52 -5.42
N LEU B 172 -27.42 0.97 -6.61
CA LEU B 172 -28.65 1.30 -7.36
C LEU B 172 -29.64 0.14 -7.43
N ASN B 173 -29.14 -1.07 -7.30
CA ASN B 173 -29.95 -2.24 -7.53
C ASN B 173 -31.09 -2.40 -6.49
N PRO B 174 -32.36 -2.19 -6.91
CA PRO B 174 -33.53 -2.07 -6.02
C PRO B 174 -33.92 -3.39 -5.37
N SER B 175 -33.31 -4.47 -5.84
CA SER B 175 -33.72 -5.80 -5.45
CA SER B 175 -33.72 -5.80 -5.45
C SER B 175 -32.61 -6.54 -4.69
N SER B 176 -31.64 -5.80 -4.18
CA SER B 176 -30.51 -6.43 -3.51
C SER B 176 -30.17 -5.66 -2.26
N ASP B 177 -29.86 -6.41 -1.22
CA ASP B 177 -29.29 -5.87 0.00
C ASP B 177 -27.95 -5.15 -0.21
N VAL B 178 -27.90 -3.89 0.21
CA VAL B 178 -26.64 -3.14 0.29
C VAL B 178 -25.46 -3.99 0.80
N SER B 179 -25.67 -4.67 1.94
CA SER B 179 -24.73 -5.60 2.56
C SER B 179 -24.27 -6.81 1.73
N GLU B 180 -24.77 -6.99 0.52
CA GLU B 180 -24.24 -8.00 -0.39
CA GLU B 180 -24.25 -8.01 -0.39
C GLU B 180 -23.06 -7.44 -1.17
N ARG B 181 -21.88 -8.03 -1.00
CA ARG B 181 -20.66 -7.62 -1.72
C ARG B 181 -20.59 -8.24 -3.13
N LEU B 182 -20.02 -7.52 -4.09
CA LEU B 182 -19.81 -8.03 -5.45
C LEU B 182 -18.40 -8.59 -5.52
N GLN B 183 -18.11 -9.42 -6.51
CA GLN B 183 -16.74 -9.89 -6.73
C GLN B 183 -16.21 -9.33 -8.03
N MET B 184 -14.93 -9.05 -8.03
CA MET B 184 -14.22 -8.51 -9.18
C MET B 184 -13.26 -9.57 -9.70
N PHE B 185 -13.19 -9.69 -11.00
CA PHE B 185 -12.24 -10.57 -11.68
C PHE B 185 -11.55 -9.83 -12.82
N ASP B 186 -10.41 -10.30 -13.29
CA ASP B 186 -9.88 -9.80 -14.57
C ASP B 186 -10.70 -10.24 -15.78
N ASP B 187 -10.81 -9.36 -16.77
CA ASP B 187 -11.62 -9.61 -17.97
C ASP B 187 -10.70 -10.29 -18.97
N PRO B 188 -10.96 -11.58 -19.25
CA PRO B 188 -9.95 -12.32 -20.01
C PRO B 188 -9.74 -11.72 -21.40
N ARG B 189 -10.75 -11.00 -21.90
CA ARG B 189 -10.65 -10.30 -23.17
C ARG B 189 -9.64 -9.15 -23.13
N ASN B 190 -9.90 -8.17 -22.26
CA ASN B 190 -8.99 -7.04 -21.99
C ASN B 190 -8.15 -7.32 -20.73
N LYS B 191 -6.87 -7.63 -20.90
CA LYS B 191 -6.02 -8.02 -19.76
C LYS B 191 -5.86 -6.97 -18.62
N ARG B 192 -6.07 -5.69 -18.93
CA ARG B 192 -6.10 -4.62 -17.93
C ARG B 192 -7.52 -4.07 -17.65
N GLY B 193 -8.54 -4.79 -18.10
CA GLY B 193 -9.94 -4.47 -17.78
C GLY B 193 -10.41 -5.37 -16.66
N VAL B 194 -11.60 -5.11 -16.11
CA VAL B 194 -12.16 -5.98 -15.08
C VAL B 194 -13.63 -6.31 -15.28
N ILE B 195 -14.05 -7.46 -14.75
CA ILE B 195 -15.48 -7.76 -14.67
C ILE B 195 -15.95 -7.68 -13.24
N ILE B 196 -17.02 -6.90 -13.03
CA ILE B 196 -17.66 -6.83 -11.72
C ILE B 196 -18.91 -7.70 -11.78
N LYS B 197 -18.84 -8.87 -11.15
CA LYS B 197 -19.91 -9.82 -11.27
C LYS B 197 -21.09 -9.38 -10.45
N GLY B 198 -22.26 -9.32 -11.08
CA GLY B 198 -23.49 -8.94 -10.39
C GLY B 198 -23.77 -7.45 -10.31
N LEU B 199 -22.89 -6.63 -10.86
CA LEU B 199 -23.15 -5.20 -10.89
C LEU B 199 -24.34 -4.89 -11.80
N GLU B 200 -25.36 -4.26 -11.25
CA GLU B 200 -26.49 -4.01 -12.12
C GLU B 200 -26.39 -2.69 -12.90
N GLU B 201 -26.77 -2.73 -14.16
CA GLU B 201 -26.85 -1.54 -15.00
C GLU B 201 -28.30 -1.26 -15.30
N ILE B 202 -28.79 -0.09 -14.90
CA ILE B 202 -30.21 0.23 -14.99
C ILE B 202 -30.41 1.05 -16.27
N THR B 203 -31.30 0.59 -17.15
CA THR B 203 -31.65 1.41 -18.32
C THR B 203 -32.49 2.58 -17.86
N VAL B 204 -32.11 3.77 -18.34
CA VAL B 204 -32.85 4.99 -18.07
C VAL B 204 -33.61 5.31 -19.34
N HIS B 205 -34.90 4.99 -19.37
CA HIS B 205 -35.60 5.03 -20.65
C HIS B 205 -35.82 6.46 -21.15
N ASN B 206 -35.98 7.40 -20.22
CA ASN B 206 -36.20 8.80 -20.59
C ASN B 206 -35.92 9.66 -19.36
N LYS B 207 -35.95 10.98 -19.51
CA LYS B 207 -35.55 11.82 -18.39
C LYS B 207 -36.49 11.62 -17.21
N ASP B 208 -37.75 11.19 -17.45
CA ASP B 208 -38.68 11.07 -16.33
CA ASP B 208 -38.76 10.98 -16.39
C ASP B 208 -38.43 9.79 -15.48
N GLU B 209 -37.43 9.00 -15.87
CA GLU B 209 -36.96 7.88 -15.01
C GLU B 209 -35.70 8.18 -14.18
N VAL B 210 -35.09 9.33 -14.41
CA VAL B 210 -33.84 9.67 -13.73
C VAL B 210 -33.97 9.86 -12.20
N TYR B 211 -34.90 10.72 -11.75
CA TYR B 211 -34.85 11.14 -10.34
C TYR B 211 -35.05 9.98 -9.38
N GLN B 212 -36.01 9.10 -9.71
CA GLN B 212 -36.28 7.94 -8.86
CA GLN B 212 -36.31 7.88 -8.95
C GLN B 212 -35.06 7.04 -8.71
N ILE B 213 -34.27 6.91 -9.79
CA ILE B 213 -33.07 6.07 -9.76
C ILE B 213 -32.05 6.67 -8.80
N LEU B 214 -31.78 7.97 -8.94
CA LEU B 214 -30.95 8.70 -7.99
C LEU B 214 -31.48 8.63 -6.54
N GLU B 215 -32.77 8.84 -6.35
CA GLU B 215 -33.39 8.63 -5.03
C GLU B 215 -33.16 7.25 -4.38
N LYS B 216 -33.32 6.20 -5.19
CA LYS B 216 -33.12 4.84 -4.69
CA LYS B 216 -33.11 4.84 -4.70
C LYS B 216 -31.66 4.65 -4.25
N GLY B 217 -30.73 5.15 -5.04
CA GLY B 217 -29.32 5.23 -4.62
C GLY B 217 -29.11 5.92 -3.28
N ALA B 218 -29.72 7.08 -3.09
CA ALA B 218 -29.64 7.80 -1.84
C ALA B 218 -30.15 6.95 -0.66
N ALA B 219 -31.27 6.26 -0.89
CA ALA B 219 -31.92 5.43 0.15
C ALA B 219 -30.95 4.34 0.56
N LYS B 220 -30.32 3.71 -0.44
CA LYS B 220 -29.43 2.57 -0.19
C LYS B 220 -28.16 2.98 0.52
N ARG B 221 -27.67 4.18 0.19
CA ARG B 221 -26.59 4.81 0.93
C ARG B 221 -26.87 5.09 2.40
N THR B 222 -28.09 5.48 2.71
CA THR B 222 -28.52 5.56 4.10
C THR B 222 -28.26 4.26 4.85
N THR B 223 -28.68 3.13 4.27
CA THR B 223 -28.49 1.86 4.92
CA THR B 223 -28.46 1.86 4.95
C THR B 223 -27.00 1.54 5.06
N ALA B 224 -26.24 1.89 4.02
CA ALA B 224 -24.81 1.60 4.06
C ALA B 224 -24.17 2.35 5.24
N ALA B 225 -24.59 3.58 5.43
CA ALA B 225 -24.01 4.45 6.47
C ALA B 225 -24.35 3.88 7.86
N THR B 226 -25.51 3.23 7.95
CA THR B 226 -25.88 2.54 9.17
C THR B 226 -24.96 1.37 9.46
N LEU B 227 -24.65 0.60 8.41
CA LEU B 227 -23.92 -0.63 8.53
CA LEU B 227 -23.90 -0.64 8.54
C LEU B 227 -22.38 -0.42 8.62
N MET B 228 -21.88 0.67 8.02
CA MET B 228 -20.44 0.85 7.90
C MET B 228 -20.02 2.19 8.47
N ASN B 229 -19.01 2.18 9.33
CA ASN B 229 -18.58 3.41 10.01
C ASN B 229 -18.05 4.46 9.06
N ALA B 230 -18.48 5.72 9.23
CA ALA B 230 -18.06 6.86 8.41
C ALA B 230 -18.16 6.57 6.92
N TYR B 231 -19.21 5.88 6.52
CA TYR B 231 -19.35 5.40 5.16
C TYR B 231 -19.24 6.53 4.15
N SER B 232 -19.90 7.66 4.44
CA SER B 232 -19.93 8.74 3.45
C SER B 232 -18.55 9.37 3.24
N SER B 233 -17.66 9.22 4.22
CA SER B 233 -16.37 9.85 4.19
C SER B 233 -15.34 8.88 3.61
N ARG B 234 -15.52 7.60 3.87
CA ARG B 234 -14.45 6.61 3.63
C ARG B 234 -14.64 5.82 2.35
N SER B 235 -15.81 5.95 1.73
CA SER B 235 -16.14 5.15 0.57
C SER B 235 -15.77 5.92 -0.70
N HIS B 236 -15.50 5.22 -1.80
CA HIS B 236 -15.33 5.84 -3.10
C HIS B 236 -16.56 5.45 -3.91
N SER B 237 -17.14 6.36 -4.69
CA SER B 237 -18.26 5.91 -5.53
C SER B 237 -17.98 6.17 -6.99
N VAL B 238 -18.35 5.22 -7.85
CA VAL B 238 -18.18 5.38 -9.29
C VAL B 238 -19.55 5.32 -9.93
N PHE B 239 -20.04 6.46 -10.38
CA PHE B 239 -21.30 6.54 -11.10
C PHE B 239 -20.95 6.51 -12.59
N SER B 240 -21.37 5.44 -13.26
CA SER B 240 -21.05 5.26 -14.68
C SER B 240 -22.28 5.44 -15.52
N VAL B 241 -22.14 6.20 -16.60
CA VAL B 241 -23.20 6.36 -17.59
C VAL B 241 -22.68 5.82 -18.93
N THR B 242 -23.45 4.95 -19.57
CA THR B 242 -23.01 4.42 -20.88
C THR B 242 -24.08 4.79 -21.88
N ILE B 243 -23.68 5.41 -22.97
CA ILE B 243 -24.62 5.80 -24.01
C ILE B 243 -24.32 5.02 -25.30
N HIS B 244 -25.30 4.23 -25.75
CA HIS B 244 -25.28 3.59 -27.09
C HIS B 244 -26.13 4.39 -28.03
N MET B 245 -25.51 4.78 -29.14
CA MET B 245 -26.11 5.74 -30.04
C MET B 245 -26.05 5.21 -31.48
N LYS B 246 -27.16 5.38 -32.21
CA LYS B 246 -27.18 5.18 -33.67
C LYS B 246 -27.68 6.49 -34.25
N GLU B 247 -26.73 7.29 -34.73
CA GLU B 247 -27.11 8.55 -35.35
C GLU B 247 -27.36 8.31 -36.83
N THR B 248 -28.49 8.80 -37.35
CA THR B 248 -28.72 8.91 -38.80
C THR B 248 -28.58 10.39 -39.19
N THR B 249 -27.61 10.67 -40.06
CA THR B 249 -27.29 12.05 -40.38
C THR B 249 -28.40 12.61 -41.25
N ILE B 250 -28.42 13.94 -41.43
CA ILE B 250 -29.42 14.50 -42.31
C ILE B 250 -29.25 14.03 -43.77
N ASP B 251 -28.11 13.39 -44.07
CA ASP B 251 -27.86 12.83 -45.42
C ASP B 251 -28.09 11.32 -45.52
N GLY B 252 -28.54 10.73 -44.42
CA GLY B 252 -28.96 9.34 -44.42
C GLY B 252 -27.89 8.35 -44.02
N GLU B 253 -26.75 8.84 -43.51
CA GLU B 253 -25.65 7.95 -43.15
C GLU B 253 -25.93 7.45 -41.73
N GLU B 254 -25.69 6.17 -41.44
CA GLU B 254 -25.92 5.66 -40.07
C GLU B 254 -24.59 5.50 -39.29
N LEU B 255 -24.44 6.23 -38.18
CA LEU B 255 -23.22 6.21 -37.38
C LEU B 255 -23.47 5.57 -36.00
N VAL B 256 -22.82 4.45 -35.71
CA VAL B 256 -22.97 3.82 -34.39
C VAL B 256 -21.82 4.19 -33.46
N LYS B 257 -22.15 4.69 -32.27
CA LYS B 257 -21.12 5.16 -31.35
C LYS B 257 -21.49 4.65 -29.96
N ILE B 258 -20.44 4.45 -29.17
CA ILE B 258 -20.60 4.10 -27.73
C ILE B 258 -19.76 5.08 -26.89
N GLY B 259 -20.43 5.78 -25.97
CA GLY B 259 -19.75 6.72 -25.05
C GLY B 259 -19.89 6.30 -23.60
N LYS B 260 -18.83 6.47 -22.81
CA LYS B 260 -18.96 6.12 -21.40
C LYS B 260 -18.41 7.24 -20.53
N LEU B 261 -19.15 7.59 -19.48
CA LEU B 261 -18.66 8.64 -18.59
C LEU B 261 -18.66 8.09 -17.16
N ASN B 262 -17.50 8.15 -16.48
CA ASN B 262 -17.37 7.79 -15.06
C ASN B 262 -17.30 9.05 -14.20
N LEU B 263 -18.13 9.13 -13.18
CA LEU B 263 -18.19 10.31 -12.34
C LEU B 263 -17.91 9.85 -10.92
N VAL B 264 -16.71 10.17 -10.45
CA VAL B 264 -16.13 9.48 -9.30
C VAL B 264 -16.04 10.44 -8.11
N ASP B 265 -16.67 10.07 -6.99
CA ASP B 265 -16.58 10.88 -5.77
C ASP B 265 -15.68 10.08 -4.79
N LEU B 266 -14.43 10.51 -4.70
CA LEU B 266 -13.44 9.78 -3.93
C LEU B 266 -13.68 9.91 -2.43
N ALA B 267 -13.13 8.96 -1.68
CA ALA B 267 -13.04 9.09 -0.22
C ALA B 267 -12.33 10.36 0.15
N GLY B 268 -12.68 10.90 1.31
CA GLY B 268 -12.00 12.09 1.85
C GLY B 268 -10.50 11.91 1.97
N SER B 269 -9.74 12.90 1.50
CA SER B 269 -8.28 12.80 1.44
C SER B 269 -7.57 13.01 2.80
N GLU B 270 -8.32 13.38 3.84
CA GLU B 270 -7.71 13.91 5.08
C GLU B 270 -6.91 12.85 5.83
N ASN B 271 -5.86 13.32 6.50
CA ASN B 271 -5.16 12.56 7.51
CA ASN B 271 -5.17 12.54 7.51
C ASN B 271 -5.98 12.45 8.79
N ILE B 288 -7.19 2.45 7.33
CA ILE B 288 -6.31 2.58 6.16
C ILE B 288 -7.20 2.54 4.90
N ASN B 289 -7.07 3.50 4.00
CA ASN B 289 -7.87 3.42 2.78
C ASN B 289 -6.96 2.93 1.66
N GLN B 290 -6.96 1.63 1.39
CA GLN B 290 -6.02 1.04 0.44
C GLN B 290 -6.21 1.65 -0.96
N SER B 291 -7.45 1.92 -1.35
CA SER B 291 -7.68 2.48 -2.68
C SER B 291 -7.19 3.91 -2.79
N LEU B 292 -7.43 4.71 -1.76
CA LEU B 292 -6.92 6.08 -1.74
C LEU B 292 -5.39 6.09 -1.72
N LEU B 293 -4.79 5.24 -0.90
CA LEU B 293 -3.31 5.14 -0.88
C LEU B 293 -2.73 4.74 -2.22
N THR B 294 -3.38 3.77 -2.88
CA THR B 294 -2.89 3.26 -4.15
C THR B 294 -3.10 4.30 -5.24
N LEU B 295 -4.21 5.03 -5.20
CA LEU B 295 -4.36 6.09 -6.20
C LEU B 295 -3.17 7.07 -6.20
N GLY B 296 -2.73 7.47 -5.02
CA GLY B 296 -1.64 8.45 -4.87
C GLY B 296 -0.38 7.83 -5.46
N ARG B 297 -0.20 6.53 -5.20
CA ARG B 297 1.05 5.86 -5.63
C ARG B 297 1.08 5.63 -7.14
N VAL B 298 -0.09 5.32 -7.70
CA VAL B 298 -0.29 5.25 -9.17
C VAL B 298 -0.01 6.61 -9.82
N ILE B 299 -0.54 7.66 -9.23
CA ILE B 299 -0.23 9.00 -9.75
C ILE B 299 1.26 9.32 -9.72
N THR B 300 1.90 9.01 -8.61
CA THR B 300 3.34 9.18 -8.47
C THR B 300 4.12 8.41 -9.53
N ALA B 301 3.81 7.12 -9.68
CA ALA B 301 4.48 6.29 -10.68
C ALA B 301 4.30 6.86 -12.08
N LEU B 302 3.09 7.33 -12.38
CA LEU B 302 2.82 7.87 -13.71
C LEU B 302 3.62 9.15 -13.96
N VAL B 303 3.64 10.05 -12.97
CA VAL B 303 4.32 11.33 -13.12
C VAL B 303 5.86 11.20 -13.13
N GLU B 304 6.39 10.22 -12.41
CA GLU B 304 7.85 10.05 -12.36
C GLU B 304 8.29 9.09 -13.46
N ARG B 305 7.32 8.62 -14.23
CA ARG B 305 7.56 7.76 -15.36
C ARG B 305 8.32 6.51 -14.89
N THR B 306 7.84 5.94 -13.79
CA THR B 306 8.33 4.64 -13.34
C THR B 306 7.73 3.54 -14.21
N PRO B 307 8.56 2.57 -14.63
CA PRO B 307 8.07 1.46 -15.45
C PRO B 307 6.91 0.70 -14.80
N HIS B 308 7.01 0.43 -13.49
CA HIS B 308 5.93 -0.27 -12.78
C HIS B 308 4.89 0.70 -12.20
N VAL B 309 3.63 0.53 -12.61
CA VAL B 309 2.56 1.35 -12.06
C VAL B 309 1.63 0.44 -11.25
N PRO B 310 1.45 0.74 -9.95
CA PRO B 310 0.78 -0.30 -9.14
C PRO B 310 -0.75 -0.30 -9.18
N TYR B 311 -1.35 -0.29 -10.37
CA TYR B 311 -2.81 -0.40 -10.50
C TYR B 311 -3.38 -1.57 -9.69
N ARG B 312 -2.70 -2.73 -9.72
CA ARG B 312 -3.32 -3.92 -9.14
C ARG B 312 -3.42 -3.91 -7.63
N GLU B 313 -2.77 -2.94 -6.98
CA GLU B 313 -2.77 -2.93 -5.50
C GLU B 313 -4.04 -2.40 -4.82
N SER B 314 -5.04 -1.95 -5.60
CA SER B 314 -6.35 -1.65 -5.01
C SER B 314 -7.51 -1.87 -5.98
N LYS B 315 -8.71 -2.01 -5.45
CA LYS B 315 -9.92 -2.14 -6.27
CA LYS B 315 -9.84 -2.17 -6.34
C LYS B 315 -10.13 -0.92 -7.15
N LEU B 316 -10.03 0.26 -6.53
CA LEU B 316 -10.26 1.51 -7.25
C LEU B 316 -9.35 1.61 -8.49
N THR B 317 -8.06 1.44 -8.31
CA THR B 317 -7.12 1.65 -9.42
C THR B 317 -7.21 0.52 -10.47
N ARG B 318 -7.72 -0.65 -10.09
CA ARG B 318 -8.00 -1.72 -11.08
C ARG B 318 -9.22 -1.38 -11.89
N ILE B 319 -10.25 -0.89 -11.21
CA ILE B 319 -11.50 -0.52 -11.90
C ILE B 319 -11.26 0.66 -12.86
N LEU B 320 -10.43 1.62 -12.43
CA LEU B 320 -10.24 2.85 -13.15
C LEU B 320 -8.88 2.99 -13.83
N GLN B 321 -8.23 1.85 -14.04
CA GLN B 321 -6.92 1.78 -14.69
C GLN B 321 -6.85 2.57 -16.01
N ASP B 322 -7.89 2.49 -16.83
CA ASP B 322 -7.86 3.21 -18.09
C ASP B 322 -8.01 4.73 -18.00
N SER B 323 -8.47 5.21 -16.84
CA SER B 323 -8.54 6.63 -16.57
C SER B 323 -7.24 7.21 -16.05
N LEU B 324 -6.26 6.35 -15.77
CA LEU B 324 -5.02 6.82 -15.19
C LEU B 324 -3.84 6.44 -16.08
N GLY B 325 -3.47 7.32 -17.00
CA GLY B 325 -2.48 6.97 -18.01
C GLY B 325 -3.01 6.07 -19.12
N GLY B 326 -4.33 5.96 -19.29
CA GLY B 326 -4.91 4.99 -20.23
C GLY B 326 -5.56 5.71 -21.42
N ARG B 327 -6.56 5.06 -22.03
CA ARG B 327 -7.21 5.63 -23.22
C ARG B 327 -8.46 6.50 -22.94
N THR B 328 -8.58 7.02 -21.72
CA THR B 328 -9.79 7.73 -21.27
C THR B 328 -9.40 9.20 -21.05
N ARG B 329 -10.22 10.15 -21.49
CA ARG B 329 -9.94 11.54 -21.11
C ARG B 329 -10.35 11.77 -19.67
N THR B 330 -9.39 12.22 -18.86
CA THR B 330 -9.61 12.33 -17.44
C THR B 330 -9.49 13.77 -16.96
N SER B 331 -10.42 14.18 -16.09
CA SER B 331 -10.29 15.43 -15.36
C SER B 331 -10.36 15.18 -13.85
N ILE B 332 -9.68 16.04 -13.09
CA ILE B 332 -9.80 15.98 -11.66
C ILE B 332 -10.31 17.33 -11.15
N ILE B 333 -11.33 17.29 -10.29
CA ILE B 333 -11.81 18.48 -9.62
C ILE B 333 -11.40 18.43 -8.17
N ALA B 334 -10.45 19.28 -7.81
CA ALA B 334 -9.93 19.22 -6.45
C ALA B 334 -10.66 20.29 -5.65
N THR B 335 -11.27 19.86 -4.54
CA THR B 335 -12.10 20.78 -3.74
C THR B 335 -11.30 21.20 -2.51
N ILE B 336 -11.39 22.51 -2.19
CA ILE B 336 -10.67 23.05 -1.05
C ILE B 336 -11.57 23.94 -0.19
N SER B 337 -11.12 24.24 1.03
CA SER B 337 -11.79 25.11 1.98
C SER B 337 -11.07 26.47 2.04
N PRO B 338 -11.83 27.55 2.29
CA PRO B 338 -11.26 28.87 2.48
C PRO B 338 -10.80 29.08 3.94
N ALA B 339 -11.15 28.17 4.85
CA ALA B 339 -10.88 28.40 6.29
C ALA B 339 -9.43 28.19 6.67
N SER B 340 -8.92 29.07 7.51
CA SER B 340 -7.58 28.89 8.07
C SER B 340 -7.44 27.58 8.85
N LEU B 341 -8.53 27.05 9.42
CA LEU B 341 -8.46 25.77 10.15
C LEU B 341 -7.98 24.61 9.26
N ASN B 342 -8.22 24.72 7.96
CA ASN B 342 -7.96 23.62 7.03
C ASN B 342 -6.71 23.88 6.20
N LEU B 343 -5.89 24.86 6.60
CA LEU B 343 -4.65 25.13 5.90
C LEU B 343 -3.86 23.90 5.47
N GLU B 344 -3.50 23.02 6.39
CA GLU B 344 -2.55 21.97 6.01
C GLU B 344 -3.18 20.98 5.01
N GLU B 345 -4.45 20.67 5.17
CA GLU B 345 -5.11 19.78 4.21
C GLU B 345 -5.31 20.47 2.87
N THR B 346 -5.65 21.76 2.92
CA THR B 346 -5.78 22.52 1.71
C THR B 346 -4.48 22.51 0.91
N LEU B 347 -3.36 22.77 1.59
CA LEU B 347 -2.07 22.68 0.92
C LEU B 347 -1.83 21.27 0.39
N SER B 348 -2.15 20.24 1.19
CA SER B 348 -2.00 18.84 0.78
CA SER B 348 -1.97 18.86 0.75
C SER B 348 -2.77 18.57 -0.52
N THR B 349 -4.03 19.00 -0.52
CA THR B 349 -4.85 18.83 -1.71
C THR B 349 -4.26 19.53 -2.93
N LEU B 350 -3.82 20.78 -2.77
CA LEU B 350 -3.30 21.53 -3.91
C LEU B 350 -2.02 20.91 -4.45
N GLU B 351 -1.16 20.44 -3.56
CA GLU B 351 0.09 19.79 -4.00
C GLU B 351 -0.23 18.49 -4.73
N TYR B 352 -1.18 17.73 -4.19
CA TYR B 352 -1.55 16.49 -4.85
C TYR B 352 -2.12 16.75 -6.21
N ALA B 353 -3.02 17.71 -6.30
CA ALA B 353 -3.68 17.99 -7.57
C ALA B 353 -2.69 18.59 -8.58
N HIS B 354 -1.78 19.42 -8.10
CA HIS B 354 -0.81 20.05 -9.00
C HIS B 354 0.13 19.01 -9.63
N ARG B 355 0.45 17.96 -8.89
CA ARG B 355 1.31 16.90 -9.42
C ARG B 355 0.58 16.11 -10.50
N ALA B 356 -0.70 15.88 -10.25
CA ALA B 356 -1.52 15.09 -11.16
C ALA B 356 -1.61 15.70 -12.59
N LYS B 357 -1.34 16.99 -12.72
CA LYS B 357 -1.35 17.65 -14.03
C LYS B 357 -0.40 17.04 -15.06
N ASN B 358 0.66 16.38 -14.59
CA ASN B 358 1.67 15.80 -15.48
C ASN B 358 1.40 14.37 -15.93
N ILE B 359 0.20 13.87 -15.66
CA ILE B 359 -0.17 12.56 -16.18
C ILE B 359 -0.62 12.67 -17.62
N LEU B 360 -0.07 11.81 -18.49
CA LEU B 360 -0.47 11.75 -19.91
C LEU B 360 -1.38 10.58 -20.23
N ASN B 361 -2.56 10.87 -20.79
CA ASN B 361 -3.52 9.90 -21.32
C ASN B 361 -3.58 10.03 -22.84
N LYS B 362 -4.11 8.99 -23.49
CA LYS B 362 -4.26 8.97 -24.95
C LYS B 362 -5.68 8.59 -25.31
N PRO B 363 -6.62 9.55 -25.21
CA PRO B 363 -8.02 9.27 -25.50
C PRO B 363 -8.26 8.92 -26.96
N GLU B 364 -9.27 8.09 -27.20
CA GLU B 364 -9.61 7.63 -28.55
C GLU B 364 -11.06 7.17 -28.61
N VAL B 365 -11.67 7.22 -29.80
CA VAL B 365 -13.05 6.76 -29.98
C VAL B 365 -13.26 5.25 -29.70
N ASN B 366 -14.47 4.90 -29.28
CA ASN B 366 -14.81 3.49 -29.08
C ASN B 366 -15.10 2.75 -30.37
#